data_5TVR
#
_entry.id   5TVR
#
_cell.length_a   57.143
_cell.length_b   101.122
_cell.length_c   149.028
_cell.angle_alpha   90.00
_cell.angle_beta   90.00
_cell.angle_gamma   90.00
#
_symmetry.space_group_name_H-M   'P 2 21 21'
#
loop_
_entity.id
_entity.type
_entity.pdbx_description
1 polymer 'Lysine-specific demethylase 4A'
2 non-polymer 'NICKEL (II) ION'
3 non-polymer '2-OXOGLUTARIC ACID'
4 non-polymer 'ZINC ION'
5 water water
#
_entity_poly.entity_id   1
_entity_poly.type   'polypeptide(L)'
_entity_poly.pdbx_seq_one_letter_code
;MASESETLNPSARIMTFYPTMEEFRNFSRYIAYIESQGAHRAGLAKVVPPKEWKPRASYDDIDDLVIPAPIQQLVTGQSG
LFTQYNIQKKAMTVREFRKIANSDKYCTPRYSEFEELERKYWKNLTFNPPIYGADVNGTLYEKHVDEWNIGRLRTILDLV
EKESGITIEGVNTPYLYFGMWKTSFAWHTEDMDLYSINYLHFGEPKSWYSVPPEHGKRLERLAKGFFPGSAQSCEAFLRH
KMTLISPLMLKKYGIPFDKVTQEAGEFMITFPYGYHAGFNHGFNCAESTNFATRRWIEYGKQAVLCSCRKDMVKISMDVF
VRKFQPERYKLWKAGKDNTVIDHTLPTPEAAEFLKESEL
;
_entity_poly.pdbx_strand_id   A,B
#
loop_
_chem_comp.id
_chem_comp.type
_chem_comp.name
_chem_comp.formula
AKG non-polymer '2-OXOGLUTARIC ACID' 'C5 H6 O5'
NI non-polymer 'NICKEL (II) ION' 'Ni 2'
ZN non-polymer 'ZINC ION' 'Zn 2'
#
# COMPACT_ATOMS: atom_id res chain seq x y z
N GLU A 6 20.20 11.10 3.84
CA GLU A 6 19.27 10.93 2.73
C GLU A 6 18.99 9.47 2.40
N THR A 7 19.47 8.56 3.25
CA THR A 7 19.46 7.14 2.89
C THR A 7 18.26 6.37 3.43
N LEU A 8 17.63 6.84 4.51
CA LEU A 8 16.46 6.16 5.06
C LEU A 8 15.18 6.68 4.39
N ASN A 9 14.27 5.76 4.05
CA ASN A 9 13.04 6.07 3.31
C ASN A 9 13.29 7.05 2.17
N PRO A 10 14.18 6.70 1.24
CA PRO A 10 14.62 7.66 0.21
C PRO A 10 13.50 8.15 -0.70
N SER A 11 12.47 7.34 -0.89
CA SER A 11 11.36 7.75 -1.75
C SER A 11 10.43 8.68 -0.98
N ALA A 12 10.68 8.80 0.33
CA ALA A 12 9.90 9.67 1.22
C ALA A 12 8.41 9.35 1.15
N ARG A 13 8.08 8.06 1.09
CA ARG A 13 6.68 7.65 1.06
C ARG A 13 6.16 7.44 2.48
N ILE A 14 4.87 7.56 2.66
CA ILE A 14 4.23 7.35 3.96
C ILE A 14 4.41 5.90 4.42
N MET A 15 4.96 5.74 5.62
CA MET A 15 5.21 4.40 6.15
C MET A 15 4.18 3.99 7.19
N THR A 16 4.02 2.68 7.34
CA THR A 16 3.08 2.10 8.29
C THR A 16 3.82 1.15 9.22
N PHE A 17 3.51 1.21 10.51
CA PHE A 17 4.21 0.40 11.50
C PHE A 17 3.24 -0.39 12.35
N TYR A 18 3.67 -1.57 12.81
CA TYR A 18 2.84 -2.45 13.62
C TYR A 18 3.58 -2.87 14.88
N PRO A 19 3.67 -1.98 15.87
CA PRO A 19 4.43 -2.28 17.08
C PRO A 19 3.85 -3.43 17.89
N THR A 20 4.72 -4.24 18.49
CA THR A 20 4.27 -5.24 19.46
C THR A 20 3.84 -4.51 20.72
N MET A 21 3.17 -5.21 21.62
CA MET A 21 2.71 -4.60 22.85
C MET A 21 3.89 -4.03 23.66
N GLU A 22 5.00 -4.77 23.66
CA GLU A 22 6.18 -4.35 24.40
C GLU A 22 6.80 -3.07 23.82
N GLU A 23 6.87 -2.99 22.50
CA GLU A 23 7.37 -1.79 21.84
C GLU A 23 6.42 -0.62 22.03
N PHE A 24 5.14 -0.93 22.13
CA PHE A 24 4.08 0.07 22.19
C PHE A 24 4.08 0.88 23.48
N ARG A 25 4.61 0.29 24.55
CA ARG A 25 4.47 0.87 25.88
C ARG A 25 5.23 2.17 26.07
N ASN A 26 6.38 2.32 25.42
CA ASN A 26 7.14 3.57 25.52
C ASN A 26 6.91 4.42 24.28
N PHE A 27 6.12 5.48 24.43
CA PHE A 27 5.73 6.32 23.29
C PHE A 27 6.92 7.05 22.67
N SER A 28 7.66 7.78 23.49
CA SER A 28 8.75 8.60 22.98
C SER A 28 9.81 7.73 22.29
N ARG A 29 10.02 6.54 22.84
CA ARG A 29 10.98 5.61 22.28
C ARG A 29 10.55 5.09 20.91
N TYR A 30 9.25 4.86 20.73
CA TYR A 30 8.79 4.32 19.46
C TYR A 30 8.81 5.38 18.38
N ILE A 31 8.60 6.63 18.76
CA ILE A 31 8.71 7.72 17.80
C ILE A 31 10.15 7.81 17.32
N ALA A 32 11.09 7.64 18.26
CA ALA A 32 12.51 7.62 17.94
C ALA A 32 12.79 6.49 16.96
N TYR A 33 12.13 5.36 17.17
CA TYR A 33 12.31 4.20 16.30
C TYR A 33 11.86 4.47 14.87
N ILE A 34 10.62 4.94 14.70
CA ILE A 34 10.09 5.10 13.35
C ILE A 34 10.88 6.18 12.60
N GLU A 35 11.41 7.14 13.34
CA GLU A 35 12.28 8.14 12.72
C GLU A 35 13.60 7.49 12.29
N SER A 36 14.04 6.48 13.02
CA SER A 36 15.26 5.76 12.62
C SER A 36 14.99 4.94 11.36
N GLN A 37 13.72 4.75 11.04
CA GLN A 37 13.32 4.06 9.82
C GLN A 37 13.10 5.05 8.67
N GLY A 38 13.14 6.34 8.97
CA GLY A 38 12.97 7.37 7.96
C GLY A 38 11.54 7.84 7.77
N ALA A 39 10.67 7.48 8.71
CA ALA A 39 9.25 7.80 8.60
C ALA A 39 8.98 9.30 8.50
N HIS A 40 9.80 10.10 9.19
CA HIS A 40 9.58 11.53 9.25
C HIS A 40 9.72 12.22 7.90
N ARG A 41 10.42 11.59 6.97
CA ARG A 41 10.66 12.22 5.67
C ARG A 41 9.38 12.40 4.84
N ALA A 42 8.37 11.58 5.07
CA ALA A 42 7.09 11.73 4.38
C ALA A 42 6.23 12.85 4.99
N GLY A 43 6.53 13.19 6.24
CA GLY A 43 5.78 14.20 6.97
C GLY A 43 4.61 13.60 7.73
N LEU A 44 4.32 12.34 7.44
CA LEU A 44 3.16 11.66 7.98
C LEU A 44 3.43 10.15 8.05
N ALA A 45 2.98 9.51 9.14
CA ALA A 45 3.18 8.08 9.31
C ALA A 45 1.96 7.44 9.97
N LYS A 46 1.72 6.17 9.68
CA LYS A 46 0.62 5.47 10.32
C LYS A 46 1.17 4.45 11.31
N VAL A 47 0.56 4.41 12.48
CA VAL A 47 0.89 3.38 13.46
C VAL A 47 -0.36 2.60 13.80
N VAL A 48 -0.30 1.30 13.58
CA VAL A 48 -1.38 0.40 13.92
C VAL A 48 -1.09 -0.25 15.26
N PRO A 49 -1.92 0.03 16.28
CA PRO A 49 -1.68 -0.50 17.63
C PRO A 49 -1.89 -2.02 17.72
N PRO A 50 -1.33 -2.65 18.76
CA PRO A 50 -1.52 -4.08 18.98
C PRO A 50 -3.01 -4.44 19.06
N LYS A 51 -3.37 -5.59 18.50
CA LYS A 51 -4.73 -6.12 18.55
C LYS A 51 -5.30 -6.09 19.97
N GLU A 52 -4.41 -6.33 20.92
CA GLU A 52 -4.77 -6.48 22.32
C GLU A 52 -5.17 -5.12 22.95
N TRP A 53 -4.64 -4.03 22.40
CA TRP A 53 -4.79 -2.70 23.00
C TRP A 53 -6.09 -1.97 22.63
N LYS A 54 -6.72 -1.35 23.62
CA LYS A 54 -7.95 -0.59 23.41
C LYS A 54 -7.97 0.63 24.31
N PRO A 55 -8.31 1.81 23.75
CA PRO A 55 -8.34 3.02 24.58
C PRO A 55 -9.57 3.10 25.48
N ARG A 56 -10.65 2.45 25.07
CA ARG A 56 -11.93 2.54 25.79
C ARG A 56 -12.84 1.35 25.47
N ALA A 57 -13.41 0.75 26.51
CA ALA A 57 -14.20 -0.48 26.37
C ALA A 57 -15.36 -0.38 25.39
N SER A 58 -16.15 0.69 25.49
CA SER A 58 -17.33 0.85 24.65
C SER A 58 -17.59 2.32 24.34
N TYR A 59 -18.14 2.60 23.16
CA TYR A 59 -18.39 3.98 22.74
C TYR A 59 -19.89 4.34 22.72
N ASP A 60 -20.73 3.51 23.32
CA ASP A 60 -22.17 3.75 23.26
C ASP A 60 -22.67 4.60 24.43
N ASP A 61 -21.75 5.24 25.16
CA ASP A 61 -22.13 6.02 26.33
C ASP A 61 -21.70 7.49 26.22
N ILE A 62 -21.39 7.93 25.01
CA ILE A 62 -20.96 9.30 24.79
C ILE A 62 -22.03 10.05 24.02
N ASP A 63 -23.19 9.44 23.95
CA ASP A 63 -24.30 9.98 23.18
C ASP A 63 -24.72 11.38 23.66
N ASP A 64 -24.56 11.65 24.95
CA ASP A 64 -24.92 12.96 25.48
C ASP A 64 -23.76 13.92 25.57
N LEU A 65 -22.60 13.54 25.03
CA LEU A 65 -21.46 14.45 24.98
C LEU A 65 -21.82 15.69 24.15
N VAL A 66 -21.48 16.87 24.65
CA VAL A 66 -21.84 18.12 24.00
C VAL A 66 -20.75 18.61 23.07
N ILE A 67 -21.14 18.95 21.85
CA ILE A 67 -20.26 19.63 20.90
C ILE A 67 -20.64 21.11 20.94
N PRO A 68 -19.90 21.90 21.72
CA PRO A 68 -20.36 23.26 22.05
C PRO A 68 -20.36 24.21 20.85
N ALA A 69 -19.48 23.98 19.88
CA ALA A 69 -19.37 24.91 18.75
C ALA A 69 -19.17 24.22 17.41
N PRO A 70 -20.20 23.51 16.92
CA PRO A 70 -20.07 22.87 15.60
C PRO A 70 -19.84 23.91 14.51
N ILE A 71 -19.13 23.55 13.46
CA ILE A 71 -18.78 24.50 12.41
C ILE A 71 -19.30 24.06 11.06
N GLN A 72 -20.13 24.89 10.42
CA GLN A 72 -20.52 24.62 9.05
C GLN A 72 -19.43 25.12 8.12
N GLN A 73 -18.93 24.22 7.27
CA GLN A 73 -17.77 24.55 6.44
C GLN A 73 -18.19 24.99 5.05
N LEU A 74 -18.15 26.30 4.83
CA LEU A 74 -18.41 26.88 3.53
C LEU A 74 -17.13 26.99 2.72
N VAL A 75 -17.16 26.52 1.49
CA VAL A 75 -15.97 26.47 0.65
C VAL A 75 -16.23 27.17 -0.68
N THR A 76 -15.37 28.11 -1.03
CA THR A 76 -15.47 28.84 -2.28
C THR A 76 -14.18 28.68 -3.09
N GLY A 77 -14.31 28.51 -4.40
CA GLY A 77 -13.13 28.38 -5.23
C GLY A 77 -13.38 27.63 -6.52
N GLN A 78 -12.30 27.39 -7.27
CA GLN A 78 -12.38 26.77 -8.57
C GLN A 78 -10.98 26.32 -9.00
N SER A 79 -10.92 25.43 -9.99
CA SER A 79 -9.65 24.96 -10.55
C SER A 79 -8.70 24.44 -9.48
N GLY A 80 -9.24 23.70 -8.51
CA GLY A 80 -8.43 23.03 -7.51
C GLY A 80 -7.90 23.92 -6.39
N LEU A 81 -8.30 25.19 -6.39
CA LEU A 81 -7.88 26.14 -5.37
C LEU A 81 -9.09 26.68 -4.62
N PHE A 82 -9.12 26.49 -3.29
CA PHE A 82 -10.30 26.90 -2.52
C PHE A 82 -9.93 27.60 -1.20
N THR A 83 -10.90 28.36 -0.69
CA THR A 83 -10.79 28.95 0.64
C THR A 83 -12.02 28.51 1.46
N GLN A 84 -11.77 28.10 2.69
CA GLN A 84 -12.82 27.59 3.54
C GLN A 84 -13.27 28.64 4.55
N TYR A 85 -14.57 28.80 4.73
CA TYR A 85 -15.10 29.76 5.68
C TYR A 85 -15.92 29.03 6.74
N ASN A 86 -15.67 29.35 8.00
CA ASN A 86 -16.37 28.67 9.09
C ASN A 86 -17.58 29.45 9.58
N ILE A 87 -18.71 28.78 9.68
CA ILE A 87 -19.88 29.35 10.33
C ILE A 87 -20.20 28.55 11.58
N GLN A 88 -20.09 29.20 12.74
CA GLN A 88 -20.41 28.54 13.99
C GLN A 88 -21.91 28.27 14.10
N LYS A 89 -22.26 27.04 14.42
CA LYS A 89 -23.65 26.69 14.66
C LYS A 89 -23.88 26.50 16.15
N LYS A 90 -25.15 26.45 16.54
CA LYS A 90 -25.53 26.25 17.93
C LYS A 90 -24.97 24.94 18.46
N ALA A 91 -24.78 24.86 19.77
CA ALA A 91 -24.30 23.64 20.41
C ALA A 91 -25.23 22.48 20.08
N MET A 92 -24.68 21.27 20.07
CA MET A 92 -25.49 20.09 19.85
C MET A 92 -24.80 18.89 20.47
N THR A 93 -25.58 17.85 20.70
CA THR A 93 -25.03 16.64 21.30
C THR A 93 -24.53 15.68 20.23
N VAL A 94 -23.74 14.70 20.65
CA VAL A 94 -23.21 13.71 19.72
C VAL A 94 -24.33 12.93 19.00
N ARG A 95 -25.44 12.63 19.69
CA ARG A 95 -26.61 12.03 19.04
C ARG A 95 -27.10 12.87 17.90
N GLU A 96 -27.38 14.12 18.21
CA GLU A 96 -27.93 15.04 17.23
C GLU A 96 -26.96 15.16 16.04
N PHE A 97 -25.67 15.21 16.33
CA PHE A 97 -24.67 15.30 15.26
C PHE A 97 -24.72 14.06 14.39
N ARG A 98 -24.70 12.88 15.02
CA ARG A 98 -24.71 11.61 14.28
C ARG A 98 -25.93 11.45 13.39
N LYS A 99 -27.08 11.92 13.87
CA LYS A 99 -28.31 11.78 13.08
C LYS A 99 -28.27 12.67 11.85
N ILE A 100 -27.79 13.89 12.02
CA ILE A 100 -27.55 14.79 10.91
C ILE A 100 -26.54 14.17 9.93
N ALA A 101 -25.45 13.63 10.47
CA ALA A 101 -24.38 13.07 9.66
C ALA A 101 -24.84 11.88 8.82
N ASN A 102 -25.69 11.04 9.40
CA ASN A 102 -26.15 9.85 8.69
C ASN A 102 -27.45 10.08 7.94
N SER A 103 -27.96 11.31 7.99
CA SER A 103 -29.14 11.68 7.22
C SER A 103 -28.85 11.60 5.74
N ASP A 104 -29.88 11.41 4.93
CA ASP A 104 -29.73 11.27 3.49
C ASP A 104 -29.11 12.53 2.87
N LYS A 105 -29.28 13.67 3.52
CA LYS A 105 -28.77 14.92 2.99
C LYS A 105 -27.25 15.03 3.11
N TYR A 106 -26.68 14.33 4.08
CA TYR A 106 -25.27 14.52 4.41
C TYR A 106 -24.43 13.25 4.35
N CYS A 107 -25.09 12.10 4.24
CA CYS A 107 -24.39 10.82 4.35
C CYS A 107 -23.42 10.60 3.19
N THR A 108 -22.48 9.69 3.40
CA THR A 108 -21.53 9.30 2.36
C THR A 108 -22.24 8.82 1.10
N PRO A 109 -21.86 9.37 -0.06
CA PRO A 109 -22.40 8.86 -1.32
C PRO A 109 -21.96 7.42 -1.57
N ARG A 110 -22.64 6.71 -2.45
CA ARG A 110 -22.21 5.34 -2.75
C ARG A 110 -21.02 5.38 -3.70
N TYR A 111 -20.17 4.38 -3.59
CA TYR A 111 -18.96 4.30 -4.40
C TYR A 111 -18.36 2.90 -4.27
N SER A 112 -17.38 2.60 -5.11
CA SER A 112 -16.74 1.28 -5.09
C SER A 112 -15.34 1.34 -4.48
N GLU A 113 -14.48 2.18 -5.05
CA GLU A 113 -13.11 2.29 -4.57
C GLU A 113 -12.81 3.70 -4.08
N PHE A 114 -11.76 3.84 -3.27
CA PHE A 114 -11.43 5.13 -2.68
C PHE A 114 -11.27 6.25 -3.71
N GLU A 115 -10.63 5.94 -4.83
CA GLU A 115 -10.36 6.94 -5.85
C GLU A 115 -11.65 7.55 -6.39
N GLU A 116 -12.72 6.75 -6.42
CA GLU A 116 -14.02 7.26 -6.82
C GLU A 116 -14.52 8.25 -5.76
N LEU A 117 -14.42 7.88 -4.50
CA LEU A 117 -14.89 8.75 -3.42
C LEU A 117 -14.06 10.02 -3.36
N GLU A 118 -12.75 9.88 -3.58
CA GLU A 118 -11.85 11.02 -3.58
C GLU A 118 -12.22 12.00 -4.68
N ARG A 119 -12.57 11.49 -5.85
CA ARG A 119 -13.01 12.33 -6.95
C ARG A 119 -14.30 13.07 -6.58
N LYS A 120 -15.21 12.37 -5.91
CA LYS A 120 -16.48 12.97 -5.49
C LYS A 120 -16.23 14.11 -4.50
N TYR A 121 -15.25 13.93 -3.62
CA TYR A 121 -14.91 14.97 -2.67
C TYR A 121 -14.47 16.26 -3.38
N TRP A 122 -13.51 16.14 -4.29
CA TRP A 122 -12.95 17.33 -4.94
C TRP A 122 -13.93 17.94 -5.94
N LYS A 123 -14.83 17.14 -6.49
CA LYS A 123 -15.86 17.65 -7.39
C LYS A 123 -16.98 18.39 -6.63
N ASN A 124 -17.26 17.99 -5.39
CA ASN A 124 -18.44 18.48 -4.69
C ASN A 124 -18.14 19.28 -3.43
N LEU A 125 -16.88 19.62 -3.18
N LEU A 125 -16.86 19.59 -3.25
CA LEU A 125 -16.55 20.23 -1.90
CA LEU A 125 -16.33 20.31 -2.11
C LEU A 125 -17.11 21.65 -1.73
C LEU A 125 -17.11 21.58 -1.78
N THR A 126 -17.51 22.31 -2.81
CA THR A 126 -18.12 23.63 -2.64
C THR A 126 -19.64 23.57 -2.57
N PHE A 127 -20.21 22.37 -2.64
CA PHE A 127 -21.66 22.19 -2.57
C PHE A 127 -22.06 21.59 -1.22
N ASN A 128 -23.31 21.80 -0.81
CA ASN A 128 -23.86 21.21 0.41
C ASN A 128 -22.94 21.25 1.62
N PRO A 129 -22.62 22.46 2.11
CA PRO A 129 -21.66 22.65 3.20
C PRO A 129 -21.93 21.76 4.40
N PRO A 130 -20.97 20.90 4.75
CA PRO A 130 -21.10 19.99 5.88
C PRO A 130 -20.90 20.67 7.23
N ILE A 131 -21.10 19.92 8.31
CA ILE A 131 -20.89 20.43 9.66
C ILE A 131 -19.83 19.59 10.36
N TYR A 132 -18.80 20.25 10.90
CA TYR A 132 -17.68 19.58 11.55
C TYR A 132 -17.72 19.87 13.05
N GLY A 133 -17.75 18.83 13.85
CA GLY A 133 -17.74 18.99 15.29
C GLY A 133 -16.30 19.00 15.76
N ALA A 134 -15.59 20.05 15.38
CA ALA A 134 -14.15 20.10 15.58
C ALA A 134 -13.77 20.83 16.86
N ASP A 135 -12.52 20.65 17.28
CA ASP A 135 -11.96 21.35 18.44
C ASP A 135 -12.78 21.22 19.72
N VAL A 136 -13.30 20.02 19.98
CA VAL A 136 -14.00 19.76 21.23
C VAL A 136 -12.99 19.38 22.30
N ASN A 137 -12.92 20.16 23.37
CA ASN A 137 -12.05 19.83 24.50
C ASN A 137 -12.51 18.53 25.13
N GLY A 138 -11.63 17.54 25.16
CA GLY A 138 -11.96 16.28 25.81
C GLY A 138 -11.14 15.10 25.36
N THR A 139 -11.37 13.98 26.03
CA THR A 139 -10.71 12.72 25.73
C THR A 139 -11.75 11.62 25.77
N LEU A 140 -11.58 10.59 24.95
CA LEU A 140 -12.46 9.43 25.05
C LEU A 140 -11.71 8.24 25.65
N TYR A 141 -10.44 8.45 25.98
CA TYR A 141 -9.66 7.42 26.67
C TYR A 141 -10.20 7.18 28.07
N GLU A 142 -10.13 5.93 28.51
CA GLU A 142 -10.38 5.58 29.89
C GLU A 142 -9.14 5.99 30.70
N LYS A 143 -9.37 6.49 31.92
CA LYS A 143 -8.31 7.13 32.69
C LYS A 143 -7.13 6.21 33.03
N HIS A 144 -7.34 4.90 32.94
CA HIS A 144 -6.30 3.94 33.30
C HIS A 144 -5.44 3.44 32.12
N VAL A 145 -5.69 3.96 30.92
CA VAL A 145 -4.90 3.56 29.76
C VAL A 145 -3.55 4.28 29.76
N ASP A 146 -2.46 3.51 29.89
CA ASP A 146 -1.13 4.07 30.04
C ASP A 146 -0.35 4.16 28.73
N GLU A 147 -0.77 3.39 27.74
CA GLU A 147 -0.06 3.35 26.45
C GLU A 147 -0.68 4.32 25.46
N TRP A 148 0.14 5.20 24.90
CA TRP A 148 -0.28 6.15 23.87
C TRP A 148 -1.56 6.91 24.24
N ASN A 149 -1.64 7.30 25.51
CA ASN A 149 -2.75 8.13 25.96
C ASN A 149 -2.52 9.57 25.54
N ILE A 150 -3.32 10.00 24.57
CA ILE A 150 -3.18 11.32 23.97
C ILE A 150 -3.29 12.43 25.02
N GLY A 151 -3.96 12.15 26.13
CA GLY A 151 -4.05 13.08 27.23
C GLY A 151 -2.75 13.25 28.01
N ARG A 152 -1.90 12.23 28.01
CA ARG A 152 -0.65 12.30 28.76
C ARG A 152 0.50 11.51 28.10
N LEU A 153 0.98 12.02 26.98
CA LEU A 153 1.94 11.29 26.15
C LEU A 153 3.34 11.20 26.74
N ARG A 154 3.65 12.10 27.67
CA ARG A 154 4.93 12.11 28.37
C ARG A 154 6.07 12.49 27.39
N THR A 155 5.98 13.67 26.78
CA THR A 155 7.07 14.17 25.95
C THR A 155 7.58 15.48 26.52
N ILE A 156 8.65 16.00 25.95
CA ILE A 156 9.26 17.22 26.49
C ILE A 156 8.40 18.46 26.28
N LEU A 157 7.34 18.33 25.47
CA LEU A 157 6.40 19.44 25.29
C LEU A 157 5.79 19.87 26.63
N ASP A 158 5.69 18.93 27.55
CA ASP A 158 5.08 19.20 28.86
C ASP A 158 5.86 20.24 29.67
N LEU A 159 7.07 20.58 29.23
CA LEU A 159 7.84 21.64 29.87
C LEU A 159 7.11 22.98 29.82
N VAL A 160 6.22 23.13 28.84
CA VAL A 160 5.41 24.32 28.74
C VAL A 160 4.43 24.40 29.92
N GLU A 161 3.74 23.31 30.20
CA GLU A 161 2.81 23.29 31.32
C GLU A 161 3.54 23.12 32.65
N LYS A 162 4.43 22.13 32.74
CA LYS A 162 4.97 21.75 34.03
C LYS A 162 5.90 22.80 34.62
N GLU A 163 6.75 23.39 33.80
CA GLU A 163 7.73 24.35 34.30
C GLU A 163 7.21 25.81 34.28
N SER A 164 6.41 26.16 33.28
CA SER A 164 5.95 27.54 33.15
C SER A 164 4.45 27.71 33.33
N GLY A 165 3.74 26.62 33.64
CA GLY A 165 2.34 26.69 34.00
C GLY A 165 1.41 27.29 32.97
N ILE A 166 1.59 26.92 31.71
CA ILE A 166 0.73 27.43 30.66
C ILE A 166 0.03 26.29 29.92
N THR A 167 -1.31 26.37 29.87
CA THR A 167 -2.11 25.37 29.18
C THR A 167 -2.57 25.93 27.83
N ILE A 168 -2.25 25.22 26.76
CA ILE A 168 -2.71 25.62 25.44
C ILE A 168 -3.64 24.58 24.85
N GLU A 169 -4.91 24.95 24.80
CA GLU A 169 -5.99 24.04 24.47
C GLU A 169 -5.83 23.47 23.05
N GLY A 170 -5.80 22.14 22.93
CA GLY A 170 -5.58 21.48 21.66
C GLY A 170 -4.10 21.17 21.39
N VAL A 171 -3.21 21.85 22.11
CA VAL A 171 -1.77 21.71 21.89
C VAL A 171 -1.14 20.78 22.93
N ASN A 172 -1.29 21.11 24.21
CA ASN A 172 -0.91 20.15 25.26
C ASN A 172 -2.14 19.64 26.01
N THR A 173 -3.31 19.78 25.39
CA THR A 173 -4.53 19.14 25.86
C THR A 173 -5.22 18.50 24.65
N PRO A 174 -6.02 17.45 24.88
CA PRO A 174 -6.59 16.74 23.74
C PRO A 174 -7.82 17.44 23.14
N TYR A 175 -7.99 17.25 21.84
CA TYR A 175 -9.16 17.71 21.09
C TYR A 175 -9.93 16.54 20.51
N LEU A 176 -11.24 16.62 20.48
CA LEU A 176 -12.05 15.64 19.75
C LEU A 176 -12.56 16.26 18.45
N TYR A 177 -12.67 15.43 17.42
CA TYR A 177 -13.15 15.84 16.12
C TYR A 177 -14.25 14.90 15.65
N PHE A 178 -15.48 15.37 15.64
CA PHE A 178 -16.59 14.57 15.13
C PHE A 178 -16.84 14.95 13.68
N GLY A 179 -16.54 14.03 12.77
CA GLY A 179 -16.64 14.31 11.35
C GLY A 179 -17.89 13.77 10.71
N MET A 180 -18.17 14.29 9.51
CA MET A 180 -19.14 13.66 8.63
C MET A 180 -18.59 13.76 7.23
N TRP A 181 -19.30 13.19 6.26
CA TRP A 181 -18.85 13.19 4.88
C TRP A 181 -18.49 14.60 4.42
N LYS A 182 -17.30 14.71 3.80
CA LYS A 182 -16.84 15.94 3.15
C LYS A 182 -16.36 17.03 4.10
N THR A 183 -16.35 16.77 5.41
CA THR A 183 -15.73 17.72 6.32
C THR A 183 -14.23 17.67 6.12
N SER A 184 -13.60 18.84 6.10
CA SER A 184 -12.22 18.97 5.62
C SER A 184 -11.27 19.53 6.67
N PHE A 185 -9.99 19.18 6.57
CA PHE A 185 -9.01 20.01 7.23
C PHE A 185 -8.03 20.53 6.17
N ALA A 186 -7.82 21.83 6.20
CA ALA A 186 -7.04 22.54 5.19
C ALA A 186 -5.54 22.32 5.38
N TRP A 187 -4.75 22.71 4.38
CA TRP A 187 -3.31 22.53 4.42
C TRP A 187 -2.68 23.32 5.54
N HIS A 188 -1.89 22.66 6.37
CA HIS A 188 -1.24 23.32 7.49
C HIS A 188 -0.09 22.47 8.02
N THR A 189 0.84 23.12 8.71
CA THR A 189 1.71 22.45 9.65
C THR A 189 1.16 22.76 11.04
N GLU A 190 1.62 22.06 12.07
CA GLU A 190 1.14 22.33 13.43
C GLU A 190 1.66 23.67 13.91
N ASP A 191 0.99 24.25 14.89
CA ASP A 191 1.49 25.43 15.56
C ASP A 191 2.91 25.19 16.07
N MET A 192 3.78 26.19 15.95
CA MET A 192 5.18 26.07 16.31
C MET A 192 5.88 24.90 15.60
N ASP A 193 5.27 24.43 14.52
CA ASP A 193 5.76 23.29 13.72
C ASP A 193 6.02 22.04 14.57
N LEU A 194 5.16 21.83 15.56
CA LEU A 194 5.19 20.64 16.41
C LEU A 194 4.81 19.34 15.68
N TYR A 195 5.01 18.21 16.36
CA TYR A 195 4.41 16.96 15.93
C TYR A 195 2.93 16.98 16.28
N SER A 196 2.14 16.18 15.58
CA SER A 196 0.80 15.90 16.07
C SER A 196 0.54 14.39 16.05
N ILE A 197 -0.37 13.96 16.90
CA ILE A 197 -0.81 12.57 16.91
C ILE A 197 -2.32 12.56 16.76
N ASN A 198 -2.84 11.59 16.02
CA ASN A 198 -4.26 11.54 15.73
C ASN A 198 -4.74 10.10 15.79
N TYR A 199 -5.69 9.85 16.69
CA TYR A 199 -6.27 8.52 16.82
C TYR A 199 -7.73 8.54 16.38
N LEU A 200 -8.08 7.66 15.46
CA LEU A 200 -9.47 7.57 15.00
C LEU A 200 -10.23 6.56 15.86
N HIS A 201 -11.04 7.06 16.80
CA HIS A 201 -11.75 6.21 17.77
C HIS A 201 -12.74 5.25 17.14
N PHE A 202 -13.60 5.76 16.27
CA PHE A 202 -14.59 4.94 15.59
C PHE A 202 -15.11 5.63 14.34
N GLY A 203 -15.82 4.89 13.50
CA GLY A 203 -16.54 5.47 12.39
C GLY A 203 -15.86 5.28 11.05
N GLU A 204 -16.35 6.02 10.06
CA GLU A 204 -15.80 5.98 8.69
C GLU A 204 -14.37 6.53 8.65
N PRO A 205 -13.62 6.18 7.59
CA PRO A 205 -12.21 6.59 7.55
C PRO A 205 -11.98 8.09 7.44
N LYS A 206 -10.72 8.47 7.65
CA LYS A 206 -10.23 9.82 7.44
C LYS A 206 -9.09 9.74 6.43
N SER A 207 -9.15 10.50 5.35
CA SER A 207 -8.08 10.46 4.35
C SER A 207 -7.16 11.65 4.51
N TRP A 208 -5.88 11.42 4.20
CA TRP A 208 -4.84 12.41 4.43
C TRP A 208 -4.00 12.65 3.20
N TYR A 209 -3.61 13.90 2.99
CA TYR A 209 -2.54 14.22 2.05
C TYR A 209 -1.37 14.78 2.82
N SER A 210 -0.15 14.48 2.37
CA SER A 210 1.03 14.97 3.07
C SER A 210 2.13 15.40 2.10
N VAL A 211 2.84 16.47 2.45
CA VAL A 211 4.00 16.92 1.69
C VAL A 211 5.26 16.72 2.53
N PRO A 212 6.28 16.06 1.97
CA PRO A 212 7.54 15.88 2.71
C PRO A 212 8.09 17.21 3.21
N PRO A 213 8.48 17.28 4.48
CA PRO A 213 9.05 18.49 5.05
C PRO A 213 10.20 19.08 4.22
N GLU A 214 10.98 18.24 3.56
CA GLU A 214 12.09 18.73 2.75
C GLU A 214 11.59 19.44 1.48
N HIS A 215 10.28 19.38 1.21
CA HIS A 215 9.72 20.11 0.08
C HIS A 215 8.59 21.03 0.49
N GLY A 216 8.49 21.29 1.80
CA GLY A 216 7.41 22.10 2.32
C GLY A 216 7.45 23.55 1.84
N LYS A 217 8.66 24.05 1.56
CA LYS A 217 8.82 25.42 1.10
C LYS A 217 8.21 25.61 -0.28
N ARG A 218 8.19 24.53 -1.06
CA ARG A 218 7.65 24.57 -2.41
C ARG A 218 6.14 24.75 -2.36
N LEU A 219 5.49 24.05 -1.46
CA LEU A 219 4.05 24.23 -1.27
C LEU A 219 3.73 25.66 -0.87
N GLU A 220 4.57 26.23 -0.01
CA GLU A 220 4.37 27.62 0.44
C GLU A 220 4.48 28.63 -0.69
N ARG A 221 5.46 28.43 -1.58
CA ARG A 221 5.60 29.29 -2.75
C ARG A 221 4.38 29.19 -3.66
N LEU A 222 3.90 27.97 -3.86
CA LEU A 222 2.69 27.74 -4.64
C LEU A 222 1.52 28.49 -4.06
N ALA A 223 1.29 28.29 -2.76
CA ALA A 223 0.18 28.93 -2.06
C ALA A 223 0.26 30.45 -2.15
N LYS A 224 1.46 30.99 -1.92
CA LYS A 224 1.65 32.44 -1.99
C LYS A 224 1.31 32.96 -3.38
N GLY A 225 1.71 32.21 -4.40
CA GLY A 225 1.45 32.60 -5.77
C GLY A 225 -0.03 32.62 -6.08
N PHE A 226 -0.77 31.66 -5.52
CA PHE A 226 -2.18 31.50 -5.85
C PHE A 226 -3.11 32.31 -4.97
N PHE A 227 -2.64 32.69 -3.79
CA PHE A 227 -3.43 33.56 -2.92
C PHE A 227 -2.60 34.77 -2.54
N PRO A 228 -2.28 35.63 -3.53
CA PRO A 228 -1.38 36.75 -3.32
C PRO A 228 -1.92 37.75 -2.31
N GLY A 229 -3.23 37.89 -2.26
CA GLY A 229 -3.87 38.79 -1.30
C GLY A 229 -3.63 38.32 0.12
N SER A 230 -3.88 37.05 0.35
CA SER A 230 -3.69 36.44 1.65
C SER A 230 -2.25 36.50 2.05
N ALA A 231 -1.35 36.28 1.11
CA ALA A 231 0.06 36.32 1.40
C ALA A 231 0.50 37.68 1.87
N GLN A 232 -0.05 38.74 1.30
CA GLN A 232 0.28 40.07 1.73
C GLN A 232 -0.11 40.35 3.19
N SER A 233 -1.25 39.87 3.66
CA SER A 233 -1.68 40.04 5.06
C SER A 233 -0.93 39.33 6.22
N CYS A 234 -0.62 38.02 6.13
CA CYS A 234 0.31 37.30 7.00
C CYS A 234 1.31 36.68 6.06
N GLU A 235 2.55 36.61 6.50
CA GLU A 235 3.52 35.79 5.79
C GLU A 235 3.12 34.32 5.94
N ALA A 236 2.51 33.98 7.08
CA ALA A 236 2.12 32.61 7.37
C ALA A 236 0.61 32.35 7.27
N PHE A 237 -0.03 32.76 6.18
CA PHE A 237 -1.49 32.71 6.11
C PHE A 237 -2.03 31.28 6.12
N LEU A 238 -1.18 30.31 5.76
CA LEU A 238 -1.62 28.91 5.75
C LEU A 238 -1.98 28.44 7.16
N ARG A 239 -1.43 29.12 8.17
CA ARG A 239 -1.74 28.80 9.57
C ARG A 239 -3.18 29.15 9.93
N HIS A 240 -3.83 29.97 9.12
CA HIS A 240 -5.26 30.22 9.29
C HIS A 240 -6.08 28.95 9.11
N LYS A 241 -5.47 27.97 8.45
CA LYS A 241 -6.13 26.70 8.13
C LYS A 241 -7.41 26.87 7.33
N MET A 242 -7.36 27.72 6.31
N MET A 242 -7.36 27.72 6.30
CA MET A 242 -8.52 27.96 5.44
CA MET A 242 -8.54 27.93 5.47
C MET A 242 -8.27 27.55 4.00
C MET A 242 -8.23 27.65 4.00
N THR A 243 -7.04 27.12 3.72
CA THR A 243 -6.61 26.95 2.34
C THR A 243 -6.62 25.49 1.87
N LEU A 244 -7.42 25.23 0.84
CA LEU A 244 -7.56 23.88 0.29
C LEU A 244 -7.00 23.85 -1.13
N ILE A 245 -6.19 22.83 -1.41
CA ILE A 245 -5.53 22.72 -2.71
C ILE A 245 -5.61 21.27 -3.17
N SER A 246 -6.19 21.03 -4.34
CA SER A 246 -6.40 19.66 -4.81
C SER A 246 -5.07 18.99 -5.18
N PRO A 247 -5.02 17.66 -5.08
CA PRO A 247 -3.84 16.90 -5.49
C PRO A 247 -3.51 17.10 -6.98
N LEU A 248 -4.53 17.37 -7.79
N LEU A 248 -4.53 17.37 -7.78
CA LEU A 248 -4.32 17.67 -9.20
CA LEU A 248 -4.34 17.68 -9.19
C LEU A 248 -3.45 18.91 -9.36
C LEU A 248 -3.46 18.90 -9.35
N MET A 249 -3.68 19.91 -8.51
CA MET A 249 -2.91 21.15 -8.58
C MET A 249 -1.47 20.90 -8.13
N LEU A 250 -1.32 20.17 -7.03
CA LEU A 250 0.01 19.80 -6.55
C LEU A 250 0.81 19.08 -7.63
N LYS A 251 0.16 18.15 -8.31
CA LYS A 251 0.81 17.37 -9.35
C LYS A 251 1.19 18.26 -10.52
N LYS A 252 0.29 19.17 -10.86
CA LYS A 252 0.50 20.08 -11.97
C LYS A 252 1.73 20.96 -11.76
N TYR A 253 2.01 21.32 -10.51
CA TYR A 253 3.09 22.23 -10.21
C TYR A 253 4.30 21.54 -9.60
N GLY A 254 4.32 20.22 -9.66
CA GLY A 254 5.48 19.46 -9.27
C GLY A 254 5.76 19.39 -7.79
N ILE A 255 4.72 19.55 -6.97
CA ILE A 255 4.88 19.41 -5.54
C ILE A 255 4.68 17.96 -5.14
N PRO A 256 5.75 17.31 -4.65
CA PRO A 256 5.65 15.91 -4.25
C PRO A 256 4.71 15.76 -3.07
N PHE A 257 3.91 14.70 -3.06
CA PHE A 257 3.01 14.45 -1.96
C PHE A 257 2.65 12.97 -1.94
N ASP A 258 2.04 12.53 -0.84
CA ASP A 258 1.58 11.15 -0.74
C ASP A 258 0.19 11.19 -0.14
N LYS A 259 -0.54 10.09 -0.29
CA LYS A 259 -1.89 9.96 0.24
C LYS A 259 -1.99 8.73 1.12
N VAL A 260 -2.82 8.78 2.15
CA VAL A 260 -3.05 7.60 2.97
C VAL A 260 -4.43 7.69 3.61
N THR A 261 -5.07 6.55 3.78
CA THR A 261 -6.36 6.55 4.45
C THR A 261 -6.22 5.93 5.84
N GLN A 262 -6.70 6.65 6.84
CA GLN A 262 -6.68 6.22 8.23
C GLN A 262 -8.00 5.54 8.55
N GLU A 263 -7.91 4.34 9.10
CA GLU A 263 -9.09 3.56 9.47
C GLU A 263 -9.31 3.61 10.98
N ALA A 264 -10.52 3.27 11.43
CA ALA A 264 -10.83 3.29 12.85
C ALA A 264 -9.86 2.40 13.63
N GLY A 265 -9.39 2.90 14.76
CA GLY A 265 -8.44 2.17 15.58
C GLY A 265 -6.99 2.34 15.16
N GLU A 266 -6.72 3.32 14.29
CA GLU A 266 -5.36 3.57 13.82
C GLU A 266 -4.85 4.96 14.20
N PHE A 267 -3.54 5.06 14.45
CA PHE A 267 -2.89 6.35 14.71
C PHE A 267 -2.26 6.94 13.46
N MET A 268 -2.36 8.26 13.33
CA MET A 268 -1.53 8.98 12.39
C MET A 268 -0.59 9.88 13.20
N ILE A 269 0.64 9.98 12.74
CA ILE A 269 1.63 10.88 13.33
C ILE A 269 2.02 11.89 12.26
N THR A 270 1.95 13.18 12.56
CA THR A 270 2.53 14.15 11.64
C THR A 270 3.82 14.69 12.26
N PHE A 271 4.77 15.03 11.40
CA PHE A 271 6.10 15.41 11.82
C PHE A 271 6.33 16.91 11.64
N PRO A 272 7.29 17.47 12.39
CA PRO A 272 7.56 18.91 12.27
C PRO A 272 7.68 19.38 10.83
N TYR A 273 6.94 20.45 10.54
CA TYR A 273 6.93 21.08 9.22
C TYR A 273 6.43 20.14 8.11
N GLY A 274 5.67 19.13 8.48
CA GLY A 274 4.99 18.31 7.49
C GLY A 274 3.62 18.90 7.18
N TYR A 275 3.44 19.42 5.97
CA TYR A 275 2.15 19.96 5.56
C TYR A 275 1.18 18.81 5.33
N HIS A 276 -0.02 18.93 5.88
CA HIS A 276 -1.04 17.92 5.63
C HIS A 276 -2.41 18.54 5.51
N ALA A 277 -3.29 17.78 4.88
CA ALA A 277 -4.68 18.17 4.63
C ALA A 277 -5.47 16.88 4.43
N GLY A 278 -6.78 16.96 4.51
CA GLY A 278 -7.58 15.77 4.29
C GLY A 278 -9.07 15.98 4.47
N PHE A 279 -9.81 14.88 4.49
CA PHE A 279 -11.26 14.94 4.63
C PHE A 279 -11.79 13.67 5.27
N ASN A 280 -12.99 13.74 5.84
CA ASN A 280 -13.61 12.58 6.46
C ASN A 280 -14.58 11.89 5.51
N HIS A 281 -14.63 10.57 5.55
CA HIS A 281 -15.47 9.77 4.66
C HIS A 281 -16.92 9.75 5.10
N GLY A 282 -17.15 9.97 6.38
CA GLY A 282 -18.49 9.88 6.95
C GLY A 282 -18.43 10.12 8.44
N PHE A 283 -19.48 9.73 9.16
CA PHE A 283 -19.51 9.95 10.59
C PHE A 283 -18.37 9.23 11.30
N ASN A 284 -17.54 9.99 12.01
CA ASN A 284 -16.44 9.40 12.75
C ASN A 284 -16.04 10.28 13.92
N CYS A 285 -15.09 9.81 14.71
CA CYS A 285 -14.59 10.60 15.81
C CYS A 285 -13.10 10.38 16.00
N ALA A 286 -12.35 11.48 15.97
CA ALA A 286 -10.90 11.39 16.13
C ALA A 286 -10.46 12.23 17.31
N GLU A 287 -9.34 11.84 17.91
CA GLU A 287 -8.77 12.58 19.02
C GLU A 287 -7.34 12.98 18.66
N SER A 288 -6.96 14.21 19.01
CA SER A 288 -5.70 14.76 18.55
C SER A 288 -5.03 15.67 19.57
N THR A 289 -3.70 15.76 19.51
CA THR A 289 -2.95 16.71 20.31
C THR A 289 -1.58 16.89 19.68
N ASN A 290 -0.77 17.81 20.20
CA ASN A 290 0.60 17.97 19.74
C ASN A 290 1.58 17.33 20.72
N PHE A 291 2.80 17.09 20.26
CA PHE A 291 3.86 16.63 21.14
C PHE A 291 5.20 17.02 20.52
N ALA A 292 6.28 16.78 21.25
CA ALA A 292 7.60 17.18 20.78
C ALA A 292 8.64 16.11 21.04
N THR A 293 9.74 16.20 20.30
CA THR A 293 10.96 15.46 20.61
C THR A 293 12.11 16.48 20.65
N ARG A 294 13.31 16.03 21.00
CA ARG A 294 14.45 16.93 21.00
C ARG A 294 14.67 17.55 19.61
N ARG A 295 14.40 16.78 18.56
CA ARG A 295 14.54 17.27 17.19
C ARG A 295 13.65 18.49 16.92
N TRP A 296 12.49 18.55 17.56
CA TRP A 296 11.55 19.63 17.31
C TRP A 296 12.07 21.02 17.72
N ILE A 297 12.92 21.06 18.74
CA ILE A 297 13.33 22.34 19.32
C ILE A 297 13.85 23.32 18.28
N GLU A 298 14.65 22.81 17.35
CA GLU A 298 15.19 23.66 16.29
C GLU A 298 14.09 24.15 15.34
N TYR A 299 13.07 23.33 15.11
CA TYR A 299 11.93 23.76 14.28
C TYR A 299 11.13 24.85 14.98
N GLY A 300 10.93 24.66 16.28
CA GLY A 300 10.22 25.63 17.09
C GLY A 300 10.88 26.98 17.05
N LYS A 301 12.21 27.00 17.07
CA LYS A 301 12.96 28.24 17.09
C LYS A 301 12.87 29.00 15.77
N GLN A 302 12.70 28.29 14.66
CA GLN A 302 12.63 28.93 13.35
C GLN A 302 11.21 28.99 12.78
N ALA A 303 10.22 28.50 13.51
CA ALA A 303 8.85 28.48 13.01
C ALA A 303 8.41 29.88 12.62
N VAL A 304 7.84 30.03 11.44
CA VAL A 304 7.31 31.32 10.99
C VAL A 304 5.84 31.41 11.41
N LEU A 305 5.52 32.42 12.21
CA LEU A 305 4.21 32.52 12.83
C LEU A 305 3.28 33.52 12.16
N CYS A 306 1.99 33.28 12.32
CA CYS A 306 0.95 34.21 11.90
C CYS A 306 1.19 35.57 12.54
N SER A 307 1.10 36.63 11.74
CA SER A 307 1.40 37.98 12.20
C SER A 307 0.17 38.89 12.25
N CYS A 308 -0.95 38.39 11.72
CA CYS A 308 -2.12 39.23 11.47
C CYS A 308 -3.16 39.21 12.58
N ARG A 309 -3.04 38.26 13.49
CA ARG A 309 -4.06 38.13 14.52
C ARG A 309 -3.79 38.53 15.94
N LYS A 310 -2.75 37.96 16.51
CA LYS A 310 -2.31 38.18 17.89
C LYS A 310 -2.78 37.14 18.95
N ASP A 311 -3.86 36.42 18.73
CA ASP A 311 -4.32 35.43 19.72
C ASP A 311 -3.92 34.02 19.32
N MET A 312 -3.08 34.00 18.32
CA MET A 312 -2.53 32.81 17.72
C MET A 312 -1.63 32.08 18.71
N VAL A 313 -1.59 30.76 18.59
CA VAL A 313 -0.74 29.95 19.46
C VAL A 313 0.73 30.30 19.29
N LYS A 314 1.33 30.77 20.38
CA LYS A 314 2.76 31.08 20.38
C LYS A 314 3.41 30.54 21.65
N ILE A 315 4.47 29.74 21.47
CA ILE A 315 5.16 29.14 22.60
C ILE A 315 6.56 29.73 22.73
N SER A 316 6.90 30.17 23.94
CA SER A 316 8.25 30.67 24.20
C SER A 316 9.26 29.53 24.14
N MET A 317 10.26 29.64 23.27
CA MET A 317 11.26 28.60 23.11
C MET A 317 12.34 28.66 24.19
N ASP A 318 12.30 29.72 24.98
CA ASP A 318 13.37 30.02 25.93
C ASP A 318 13.69 28.83 26.82
N VAL A 319 12.66 28.26 27.46
CA VAL A 319 12.87 27.16 28.39
C VAL A 319 13.50 25.95 27.69
N PHE A 320 13.14 25.72 26.42
CA PHE A 320 13.68 24.58 25.68
C PHE A 320 15.15 24.77 25.31
N VAL A 321 15.51 25.96 24.86
CA VAL A 321 16.90 26.24 24.51
C VAL A 321 17.78 26.20 25.76
N ARG A 322 17.28 26.76 26.85
CA ARG A 322 18.05 26.79 28.09
C ARG A 322 18.31 25.37 28.61
N LYS A 323 17.31 24.50 28.54
CA LYS A 323 17.47 23.15 29.07
C LYS A 323 18.25 22.23 28.13
N PHE A 324 17.91 22.22 26.84
CA PHE A 324 18.46 21.22 25.91
C PHE A 324 19.58 21.73 25.02
N GLN A 325 19.72 23.05 24.91
CA GLN A 325 20.83 23.62 24.16
C GLN A 325 21.57 24.70 24.95
N PRO A 326 22.04 24.36 26.17
CA PRO A 326 22.63 25.41 27.02
C PRO A 326 23.83 26.10 26.38
N GLU A 327 24.54 25.40 25.50
CA GLU A 327 25.75 25.93 24.90
C GLU A 327 25.48 26.95 23.79
N ARG A 328 24.26 26.97 23.26
CA ARG A 328 23.92 27.99 22.26
C ARG A 328 22.86 28.98 22.76
N TYR A 329 22.53 28.92 24.04
CA TYR A 329 21.49 29.79 24.59
C TYR A 329 21.86 31.26 24.52
N LYS A 330 23.10 31.58 24.90
CA LYS A 330 23.56 32.95 24.88
C LYS A 330 23.54 33.50 23.45
N LEU A 331 24.05 32.71 22.52
CA LEU A 331 24.04 33.06 21.11
C LEU A 331 22.63 33.31 20.60
N TRP A 332 21.73 32.39 20.92
CA TRP A 332 20.35 32.46 20.45
C TRP A 332 19.61 33.68 21.00
N LYS A 333 19.84 34.01 22.27
CA LYS A 333 19.21 35.18 22.88
C LYS A 333 19.60 36.46 22.16
N ALA A 334 20.83 36.50 21.67
CA ALA A 334 21.33 37.64 20.91
C ALA A 334 20.75 37.66 19.50
N GLY A 335 20.28 36.50 19.04
CA GLY A 335 19.75 36.38 17.69
C GLY A 335 20.83 36.03 16.68
N LYS A 336 21.90 35.40 17.15
CA LYS A 336 23.01 35.05 16.28
C LYS A 336 23.08 33.54 16.04
N ASP A 337 21.99 32.85 16.31
CA ASP A 337 21.91 31.41 16.08
C ASP A 337 21.39 31.14 14.67
N ASN A 338 22.30 30.85 13.75
CA ASN A 338 21.92 30.66 12.35
C ASN A 338 22.03 29.19 11.90
N THR A 339 21.54 28.31 12.76
CA THR A 339 21.51 26.88 12.47
C THR A 339 20.60 26.56 11.28
N VAL A 340 21.03 25.64 10.42
CA VAL A 340 20.22 25.18 9.30
C VAL A 340 19.67 23.78 9.57
N ILE A 341 18.36 23.61 9.40
CA ILE A 341 17.74 22.31 9.65
C ILE A 341 17.89 21.34 8.48
N ASP A 342 18.32 20.12 8.79
CA ASP A 342 18.32 19.02 7.83
C ASP A 342 17.10 18.13 8.09
N HIS A 343 16.09 18.23 7.23
CA HIS A 343 14.82 17.54 7.41
C HIS A 343 14.91 16.02 7.33
N THR A 344 16.02 15.51 6.81
CA THR A 344 16.18 14.07 6.66
C THR A 344 16.74 13.43 7.92
N LEU A 345 17.33 14.24 8.79
CA LEU A 345 17.91 13.73 10.02
C LEU A 345 16.85 13.26 11.01
N PRO A 346 17.04 12.06 11.58
CA PRO A 346 16.18 11.58 12.67
C PRO A 346 16.49 12.29 13.99
N THR A 347 15.58 12.16 14.96
CA THR A 347 15.78 12.74 16.26
C THR A 347 16.95 12.02 16.95
N PRO A 348 17.73 12.75 17.76
CA PRO A 348 18.90 12.17 18.43
C PRO A 348 18.58 10.89 19.19
N GLU A 349 17.39 10.84 19.79
CA GLU A 349 16.95 9.70 20.56
C GLU A 349 16.95 8.42 19.74
N ALA A 350 17.12 8.56 18.45
CA ALA A 350 17.10 7.42 17.57
C ALA A 350 18.44 6.73 17.43
N ALA A 351 19.47 7.26 18.08
CA ALA A 351 20.81 6.72 17.94
C ALA A 351 20.96 5.28 18.32
N GLU A 352 20.23 4.85 19.32
CA GLU A 352 20.24 3.53 19.86
C GLU A 352 19.62 2.51 18.92
N PHE A 353 19.07 3.00 17.83
CA PHE A 353 18.49 2.12 16.85
C PHE A 353 19.42 2.09 15.65
N THR B 7 -18.83 -7.16 -3.99
CA THR B 7 -19.67 -8.00 -3.14
C THR B 7 -19.00 -9.16 -2.42
N LEU B 8 -18.54 -10.15 -3.16
CA LEU B 8 -17.90 -11.31 -2.57
C LEU B 8 -16.41 -11.15 -2.23
N ASN B 9 -15.93 -11.91 -1.25
CA ASN B 9 -14.55 -11.84 -0.83
C ASN B 9 -14.11 -10.42 -0.58
N PRO B 10 -14.91 -9.68 0.19
CA PRO B 10 -14.56 -8.26 0.44
C PRO B 10 -13.15 -8.03 0.93
N SER B 11 -12.63 -8.98 1.66
CA SER B 11 -11.27 -8.89 2.06
C SER B 11 -10.69 -9.62 0.85
N ALA B 12 -9.66 -9.11 0.23
CA ALA B 12 -9.16 -9.84 -0.92
C ALA B 12 -8.22 -10.97 -0.48
N ARG B 13 -8.75 -11.90 0.31
CA ARG B 13 -7.95 -13.00 0.84
C ARG B 13 -7.92 -14.19 -0.12
N ILE B 14 -6.83 -14.94 -0.06
CA ILE B 14 -6.64 -16.10 -0.95
C ILE B 14 -7.52 -17.27 -0.55
N MET B 15 -8.29 -17.77 -1.50
CA MET B 15 -9.23 -18.85 -1.25
C MET B 15 -8.71 -20.20 -1.71
N THR B 16 -9.19 -21.25 -1.06
CA THR B 16 -8.83 -22.60 -1.41
C THR B 16 -10.10 -23.38 -1.75
N PHE B 17 -10.05 -24.15 -2.84
CA PHE B 17 -11.21 -24.89 -3.31
C PHE B 17 -10.92 -26.39 -3.39
N TYR B 18 -11.95 -27.18 -3.10
CA TYR B 18 -11.88 -28.64 -3.16
C TYR B 18 -13.01 -29.20 -4.02
N PRO B 19 -12.90 -29.07 -5.35
CA PRO B 19 -13.97 -29.54 -6.23
C PRO B 19 -14.12 -31.06 -6.25
N THR B 20 -15.34 -31.54 -6.45
CA THR B 20 -15.58 -32.94 -6.72
C THR B 20 -15.16 -33.23 -8.15
N MET B 21 -14.99 -34.50 -8.49
CA MET B 21 -14.52 -34.87 -9.83
C MET B 21 -15.48 -34.36 -10.91
N GLU B 22 -16.76 -34.22 -10.55
CA GLU B 22 -17.73 -33.74 -11.52
C GLU B 22 -17.62 -32.24 -11.74
N GLU B 23 -17.47 -31.47 -10.67
CA GLU B 23 -17.23 -30.03 -10.80
C GLU B 23 -15.89 -29.79 -11.51
N PHE B 24 -14.95 -30.69 -11.26
CA PHE B 24 -13.58 -30.58 -11.73
C PHE B 24 -13.45 -30.67 -13.24
N ARG B 25 -14.33 -31.45 -13.88
CA ARG B 25 -14.14 -31.85 -15.27
C ARG B 25 -14.10 -30.70 -16.28
N ASN B 26 -14.95 -29.69 -16.12
CA ASN B 26 -14.93 -28.56 -17.05
C ASN B 26 -14.08 -27.43 -16.49
N PHE B 27 -12.85 -27.30 -17.00
CA PHE B 27 -11.90 -26.33 -16.46
C PHE B 27 -12.44 -24.90 -16.52
N SER B 28 -12.82 -24.45 -17.71
CA SER B 28 -13.22 -23.06 -17.88
C SER B 28 -14.45 -22.71 -17.06
N ARG B 29 -15.36 -23.66 -16.88
CA ARG B 29 -16.56 -23.36 -16.10
C ARG B 29 -16.26 -23.37 -14.61
N TYR B 30 -15.26 -24.13 -14.17
CA TYR B 30 -14.89 -24.08 -12.77
C TYR B 30 -14.18 -22.77 -12.43
N ILE B 31 -13.43 -22.21 -13.38
CA ILE B 31 -12.82 -20.91 -13.19
C ILE B 31 -13.92 -19.85 -13.03
N ALA B 32 -14.93 -19.96 -13.88
CA ALA B 32 -16.10 -19.10 -13.78
C ALA B 32 -16.74 -19.21 -12.40
N TYR B 33 -16.80 -20.43 -11.89
CA TYR B 33 -17.34 -20.66 -10.56
C TYR B 33 -16.53 -19.95 -9.47
N ILE B 34 -15.21 -20.15 -9.44
CA ILE B 34 -14.43 -19.59 -8.35
C ILE B 34 -14.43 -18.07 -8.42
N GLU B 35 -14.59 -17.51 -9.61
CA GLU B 35 -14.70 -16.06 -9.71
C GLU B 35 -16.06 -15.56 -9.19
N SER B 36 -17.10 -16.37 -9.36
CA SER B 36 -18.40 -16.05 -8.79
C SER B 36 -18.33 -16.06 -7.26
N GLN B 37 -17.35 -16.77 -6.72
CA GLN B 37 -17.13 -16.80 -5.29
C GLN B 37 -16.18 -15.68 -4.83
N GLY B 38 -15.60 -14.96 -5.78
CA GLY B 38 -14.77 -13.81 -5.47
C GLY B 38 -13.28 -14.11 -5.36
N ALA B 39 -12.88 -15.30 -5.81
CA ALA B 39 -11.50 -15.74 -5.66
C ALA B 39 -10.52 -14.82 -6.39
N HIS B 40 -10.97 -14.19 -7.47
CA HIS B 40 -10.09 -13.36 -8.29
C HIS B 40 -9.65 -12.08 -7.58
N ARG B 41 -10.36 -11.68 -6.54
CA ARG B 41 -10.03 -10.43 -5.88
C ARG B 41 -8.69 -10.51 -5.16
N ALA B 42 -8.27 -11.72 -4.79
CA ALA B 42 -6.98 -11.91 -4.14
C ALA B 42 -5.83 -11.95 -5.15
N GLY B 43 -6.16 -12.22 -6.41
CA GLY B 43 -5.15 -12.30 -7.47
C GLY B 43 -4.56 -13.69 -7.59
N LEU B 44 -4.82 -14.50 -6.58
CA LEU B 44 -4.27 -15.85 -6.46
C LEU B 44 -5.27 -16.78 -5.77
N ALA B 45 -5.44 -17.99 -6.28
CA ALA B 45 -6.31 -18.98 -5.64
C ALA B 45 -5.70 -20.38 -5.68
N LYS B 46 -6.02 -21.19 -4.68
CA LYS B 46 -5.55 -22.57 -4.64
C LYS B 46 -6.67 -23.54 -4.92
N VAL B 47 -6.42 -24.51 -5.79
CA VAL B 47 -7.41 -25.53 -6.06
C VAL B 47 -6.84 -26.92 -5.78
N VAL B 48 -7.41 -27.59 -4.78
CA VAL B 48 -7.02 -28.96 -4.45
C VAL B 48 -7.89 -29.93 -5.23
N PRO B 49 -7.26 -30.66 -6.16
CA PRO B 49 -7.99 -31.61 -7.01
C PRO B 49 -8.55 -32.80 -6.23
N PRO B 50 -9.60 -33.46 -6.77
CA PRO B 50 -10.19 -34.64 -6.13
C PRO B 50 -9.16 -35.73 -5.88
N LYS B 51 -9.31 -36.45 -4.78
CA LYS B 51 -8.33 -37.43 -4.31
C LYS B 51 -7.90 -38.44 -5.38
N GLU B 52 -8.80 -38.76 -6.29
CA GLU B 52 -8.58 -39.83 -7.26
C GLU B 52 -7.94 -39.31 -8.54
N TRP B 53 -7.95 -38.00 -8.73
CA TRP B 53 -7.36 -37.42 -9.94
C TRP B 53 -5.87 -37.38 -9.84
N LYS B 54 -5.24 -37.62 -10.99
CA LYS B 54 -3.80 -37.66 -11.03
C LYS B 54 -3.29 -37.62 -12.47
N PRO B 55 -2.30 -36.75 -12.74
CA PRO B 55 -1.92 -36.38 -14.11
C PRO B 55 -1.00 -37.40 -14.78
N ARG B 56 -0.39 -38.30 -14.00
CA ARG B 56 0.50 -39.32 -14.57
C ARG B 56 0.79 -40.45 -13.63
N ALA B 57 1.03 -41.61 -14.24
CA ALA B 57 1.24 -42.85 -13.45
C ALA B 57 2.35 -42.74 -12.37
N SER B 58 3.57 -42.50 -12.84
CA SER B 58 4.74 -42.39 -11.96
C SER B 58 5.75 -41.38 -12.49
N TYR B 59 6.53 -40.78 -11.60
CA TYR B 59 7.52 -39.78 -11.96
C TYR B 59 8.94 -40.40 -12.00
N ASP B 60 9.01 -41.65 -12.44
CA ASP B 60 10.26 -42.40 -12.42
C ASP B 60 10.93 -42.35 -13.78
N ASP B 61 10.16 -41.95 -14.78
CA ASP B 61 10.57 -41.95 -16.17
C ASP B 61 11.41 -40.72 -16.49
N ILE B 62 11.75 -39.95 -15.46
CA ILE B 62 12.11 -38.56 -15.64
C ILE B 62 13.60 -38.23 -15.48
N ASP B 63 14.39 -39.16 -14.94
CA ASP B 63 15.79 -38.87 -14.64
C ASP B 63 16.60 -38.38 -15.85
N ASP B 64 16.19 -38.79 -17.05
CA ASP B 64 16.94 -38.46 -18.25
C ASP B 64 16.42 -37.23 -18.98
N LEU B 65 15.30 -36.67 -18.52
CA LEU B 65 14.78 -35.44 -19.11
C LEU B 65 15.85 -34.35 -19.04
N VAL B 66 16.07 -33.67 -20.14
CA VAL B 66 17.12 -32.67 -20.23
C VAL B 66 16.61 -31.26 -19.86
N ILE B 67 17.36 -30.60 -18.98
CA ILE B 67 17.14 -29.18 -18.69
C ILE B 67 18.16 -28.38 -19.50
N PRO B 68 17.74 -27.86 -20.65
CA PRO B 68 18.65 -27.25 -21.63
C PRO B 68 19.39 -26.01 -21.11
N ALA B 69 18.72 -25.21 -20.29
CA ALA B 69 19.31 -23.95 -19.84
C ALA B 69 19.04 -23.66 -18.36
N PRO B 70 19.63 -24.45 -17.46
CA PRO B 70 19.47 -24.13 -16.04
C PRO B 70 20.03 -22.75 -15.72
N ILE B 71 19.44 -22.09 -14.75
CA ILE B 71 19.79 -20.71 -14.43
C ILE B 71 20.30 -20.55 -13.00
N GLN B 72 21.53 -20.05 -12.86
CA GLN B 72 22.05 -19.71 -11.54
C GLN B 72 21.51 -18.33 -11.15
N GLN B 73 20.82 -18.26 -10.01
CA GLN B 73 20.17 -17.03 -9.61
C GLN B 73 21.02 -16.22 -8.65
N LEU B 74 21.65 -15.18 -9.17
CA LEU B 74 22.39 -14.26 -8.33
C LEU B 74 21.52 -13.09 -7.89
N VAL B 75 21.49 -12.86 -6.58
CA VAL B 75 20.62 -11.83 -6.04
C VAL B 75 21.45 -10.76 -5.34
N THR B 76 21.14 -9.50 -5.63
CA THR B 76 21.85 -8.36 -5.03
C THR B 76 20.86 -7.38 -4.42
N GLY B 77 21.19 -6.84 -3.26
CA GLY B 77 20.29 -5.91 -2.58
C GLY B 77 20.38 -5.99 -1.08
N GLN B 78 19.50 -5.25 -0.42
CA GLN B 78 19.52 -5.12 1.03
C GLN B 78 18.21 -4.50 1.50
N SER B 79 17.92 -4.67 2.79
CA SER B 79 16.76 -4.08 3.44
C SER B 79 15.47 -4.28 2.65
N GLY B 80 15.23 -5.53 2.24
CA GLY B 80 13.97 -5.92 1.62
C GLY B 80 13.81 -5.65 0.12
N LEU B 81 14.81 -5.03 -0.50
CA LEU B 81 14.76 -4.71 -1.92
C LEU B 81 15.90 -5.39 -2.68
N PHE B 82 15.57 -6.20 -3.68
CA PHE B 82 16.59 -6.99 -4.36
C PHE B 82 16.38 -7.05 -5.86
N THR B 83 17.48 -7.25 -6.59
CA THR B 83 17.42 -7.49 -8.02
C THR B 83 18.10 -8.81 -8.33
N GLN B 84 17.42 -9.66 -9.09
CA GLN B 84 17.92 -10.99 -9.40
C GLN B 84 18.54 -11.02 -10.79
N TYR B 85 19.76 -11.53 -10.88
CA TYR B 85 20.44 -11.64 -12.17
C TYR B 85 20.61 -13.10 -12.53
N ASN B 86 20.42 -13.41 -13.80
CA ASN B 86 20.48 -14.79 -14.26
C ASN B 86 21.83 -15.11 -14.90
N ILE B 87 22.38 -16.25 -14.53
CA ILE B 87 23.53 -16.79 -15.22
C ILE B 87 23.17 -18.15 -15.77
N GLN B 88 23.02 -18.23 -17.10
CA GLN B 88 22.69 -19.51 -17.71
C GLN B 88 23.85 -20.49 -17.63
N LYS B 89 23.59 -21.65 -17.03
CA LYS B 89 24.59 -22.69 -16.91
C LYS B 89 24.41 -23.69 -18.05
N LYS B 90 25.28 -24.69 -18.10
CA LYS B 90 25.26 -25.65 -19.18
C LYS B 90 24.15 -26.67 -18.95
N ALA B 91 23.62 -27.22 -20.04
CA ALA B 91 22.52 -28.18 -19.97
C ALA B 91 22.83 -29.30 -19.00
N MET B 92 21.81 -29.81 -18.32
CA MET B 92 22.00 -30.93 -17.41
C MET B 92 20.73 -31.76 -17.34
N THR B 93 20.87 -33.02 -16.93
CA THR B 93 19.71 -33.88 -16.76
C THR B 93 19.05 -33.64 -15.42
N VAL B 94 17.79 -34.05 -15.30
CA VAL B 94 17.07 -33.96 -14.04
C VAL B 94 17.81 -34.73 -12.94
N ARG B 95 18.46 -35.83 -13.31
CA ARG B 95 19.24 -36.60 -12.34
C ARG B 95 20.36 -35.74 -11.75
N GLU B 96 21.14 -35.10 -12.62
CA GLU B 96 22.20 -34.20 -12.18
C GLU B 96 21.64 -33.09 -11.29
N PHE B 97 20.52 -32.51 -11.71
CA PHE B 97 19.91 -31.41 -10.98
C PHE B 97 19.53 -31.83 -9.56
N ARG B 98 18.80 -32.95 -9.46
CA ARG B 98 18.35 -33.44 -8.16
C ARG B 98 19.51 -33.69 -7.21
N LYS B 99 20.61 -34.21 -7.73
CA LYS B 99 21.75 -34.52 -6.86
C LYS B 99 22.34 -33.23 -6.33
N ILE B 100 22.45 -32.24 -7.20
CA ILE B 100 22.91 -30.92 -6.81
C ILE B 100 21.94 -30.31 -5.80
N ALA B 101 20.65 -30.48 -6.05
CA ALA B 101 19.61 -29.93 -5.18
C ALA B 101 19.63 -30.50 -3.78
N ASN B 102 19.91 -31.79 -3.66
CA ASN B 102 19.88 -32.47 -2.36
C ASN B 102 21.24 -32.51 -1.68
N SER B 103 22.27 -32.04 -2.37
CA SER B 103 23.62 -32.00 -1.78
C SER B 103 23.65 -31.04 -0.61
N ASP B 104 24.64 -31.20 0.26
CA ASP B 104 24.75 -30.42 1.48
C ASP B 104 24.87 -28.93 1.19
N LYS B 105 25.47 -28.61 0.04
CA LYS B 105 25.65 -27.23 -0.39
C LYS B 105 24.30 -26.52 -0.59
N TYR B 106 23.36 -27.17 -1.27
CA TYR B 106 22.14 -26.49 -1.72
C TYR B 106 20.84 -26.95 -1.05
N CYS B 107 20.93 -27.93 -0.15
CA CYS B 107 19.72 -28.53 0.39
C CYS B 107 19.00 -27.64 1.40
N THR B 108 17.74 -27.95 1.64
CA THR B 108 16.89 -27.18 2.55
C THR B 108 17.44 -27.15 3.97
N PRO B 109 17.53 -25.96 4.56
CA PRO B 109 17.96 -25.87 5.96
C PRO B 109 16.95 -26.50 6.90
N ARG B 110 17.45 -27.06 8.00
CA ARG B 110 16.59 -27.58 9.06
C ARG B 110 15.75 -26.45 9.62
N TYR B 111 14.49 -26.72 9.96
CA TYR B 111 13.66 -25.64 10.48
C TYR B 111 12.41 -26.04 11.25
N SER B 112 11.93 -25.07 12.02
CA SER B 112 10.77 -25.16 12.89
C SER B 112 9.41 -25.01 12.20
N GLU B 113 8.93 -23.78 12.11
CA GLU B 113 7.65 -23.49 11.47
C GLU B 113 7.91 -22.96 10.05
N PHE B 114 6.85 -22.71 9.30
CA PHE B 114 7.04 -22.12 7.98
C PHE B 114 7.65 -20.73 8.09
N GLU B 115 7.26 -20.01 9.14
CA GLU B 115 7.70 -18.63 9.30
C GLU B 115 9.21 -18.54 9.54
N GLU B 116 9.79 -19.57 10.15
CA GLU B 116 11.24 -19.59 10.30
C GLU B 116 11.93 -19.86 8.97
N LEU B 117 11.36 -20.76 8.16
CA LEU B 117 11.92 -21.01 6.84
C LEU B 117 11.83 -19.75 5.99
N GLU B 118 10.71 -19.04 6.11
CA GLU B 118 10.51 -17.80 5.37
C GLU B 118 11.53 -16.74 5.79
N ARG B 119 11.79 -16.63 7.09
CA ARG B 119 12.79 -15.70 7.60
C ARG B 119 14.18 -16.06 7.09
N LYS B 120 14.48 -17.35 7.04
CA LYS B 120 15.76 -17.83 6.53
C LYS B 120 15.90 -17.50 5.04
N TYR B 121 14.80 -17.60 4.30
CA TYR B 121 14.83 -17.27 2.88
C TYR B 121 15.21 -15.82 2.68
N TRP B 122 14.51 -14.90 3.36
CA TRP B 122 14.77 -13.48 3.18
C TRP B 122 16.10 -13.05 3.80
N LYS B 123 16.60 -13.82 4.76
CA LYS B 123 17.88 -13.54 5.38
C LYS B 123 19.07 -13.95 4.48
N ASN B 124 18.86 -14.99 3.69
CA ASN B 124 19.97 -15.63 2.98
C ASN B 124 19.88 -15.63 1.47
N LEU B 125 18.93 -14.91 0.90
CA LEU B 125 18.70 -15.04 -0.53
C LEU B 125 19.80 -14.43 -1.40
N THR B 126 20.66 -13.57 -0.83
CA THR B 126 21.77 -13.05 -1.62
C THR B 126 23.00 -13.93 -1.47
N PHE B 127 22.94 -14.92 -0.57
CA PHE B 127 24.08 -15.82 -0.36
C PHE B 127 23.88 -17.14 -1.11
N ASN B 128 25.01 -17.80 -1.42
CA ASN B 128 25.01 -19.13 -2.01
C ASN B 128 24.01 -19.31 -3.15
N PRO B 129 24.26 -18.64 -4.29
CA PRO B 129 23.28 -18.62 -5.39
C PRO B 129 22.88 -20.02 -5.87
N PRO B 130 21.57 -20.31 -5.84
CA PRO B 130 21.04 -21.60 -6.30
C PRO B 130 20.85 -21.68 -7.82
N ILE B 131 20.53 -22.87 -8.30
CA ILE B 131 20.26 -23.10 -9.70
C ILE B 131 18.79 -23.50 -9.87
N TYR B 132 18.11 -22.83 -10.80
CA TYR B 132 16.69 -23.04 -11.05
C TYR B 132 16.56 -23.63 -12.44
N GLY B 133 15.93 -24.80 -12.54
CA GLY B 133 15.70 -25.42 -13.83
C GLY B 133 14.42 -24.87 -14.41
N ALA B 134 14.44 -23.60 -14.78
CA ALA B 134 13.23 -22.88 -15.16
C ALA B 134 12.94 -22.95 -16.66
N ASP B 135 11.68 -22.72 -17.01
CA ASP B 135 11.23 -22.57 -18.40
C ASP B 135 11.60 -23.73 -19.32
N VAL B 136 11.46 -24.96 -18.84
CA VAL B 136 11.70 -26.12 -19.68
C VAL B 136 10.46 -26.43 -20.51
N ASN B 137 10.62 -26.48 -21.83
CA ASN B 137 9.50 -26.81 -22.69
C ASN B 137 9.11 -28.27 -22.52
N GLY B 138 7.91 -28.51 -22.01
CA GLY B 138 7.45 -29.86 -21.83
C GLY B 138 6.25 -29.99 -20.90
N THR B 139 5.79 -31.22 -20.75
CA THR B 139 4.67 -31.53 -19.87
C THR B 139 4.90 -32.89 -19.23
N LEU B 140 4.41 -33.07 -18.03
CA LEU B 140 4.54 -34.33 -17.38
C LEU B 140 3.16 -35.01 -17.32
N TYR B 141 2.23 -34.51 -18.10
CA TYR B 141 0.91 -35.07 -18.11
C TYR B 141 0.80 -36.28 -19.01
N GLU B 142 0.12 -37.29 -18.53
CA GLU B 142 -0.14 -38.48 -19.30
C GLU B 142 -1.02 -37.97 -20.43
N LYS B 143 -0.81 -38.46 -21.64
CA LYS B 143 -1.54 -37.99 -22.81
C LYS B 143 -3.05 -38.24 -22.78
N HIS B 144 -3.53 -39.07 -21.89
CA HIS B 144 -4.95 -39.32 -21.80
C HIS B 144 -5.69 -38.57 -20.73
N VAL B 145 -5.03 -37.64 -20.05
CA VAL B 145 -5.71 -36.90 -19.01
C VAL B 145 -6.56 -35.84 -19.66
N ASP B 146 -7.82 -35.80 -19.32
CA ASP B 146 -8.69 -34.81 -19.93
C ASP B 146 -9.21 -33.79 -18.94
N GLU B 147 -8.87 -33.91 -17.69
CA GLU B 147 -9.27 -32.95 -16.72
C GLU B 147 -8.07 -32.10 -16.32
N TRP B 148 -8.18 -30.80 -16.48
CA TRP B 148 -7.14 -29.85 -16.07
C TRP B 148 -5.78 -30.22 -16.64
N ASN B 149 -5.75 -30.60 -17.91
CA ASN B 149 -4.49 -30.87 -18.59
C ASN B 149 -3.93 -29.54 -19.08
N ILE B 150 -2.84 -29.13 -18.45
CA ILE B 150 -2.18 -27.85 -18.74
C ILE B 150 -1.74 -27.77 -20.20
N GLY B 151 -1.53 -28.93 -20.82
CA GLY B 151 -1.21 -28.99 -22.23
C GLY B 151 -2.38 -28.61 -23.15
N ARG B 152 -3.59 -28.63 -22.62
CA ARG B 152 -4.79 -28.24 -23.39
C ARG B 152 -6.00 -27.94 -22.49
N LEU B 153 -6.08 -26.71 -22.00
CA LEU B 153 -7.15 -26.31 -21.10
C LEU B 153 -8.45 -25.96 -21.83
N ARG B 154 -8.36 -25.68 -23.12
CA ARG B 154 -9.52 -25.38 -23.95
C ARG B 154 -10.21 -24.08 -23.46
N THR B 155 -9.41 -23.01 -23.34
CA THR B 155 -9.96 -21.69 -23.06
C THR B 155 -9.86 -20.86 -24.33
N ILE B 156 -10.38 -19.63 -24.30
CA ILE B 156 -10.38 -18.80 -25.50
C ILE B 156 -8.97 -18.35 -25.90
N LEU B 157 -7.98 -18.61 -25.06
CA LEU B 157 -6.59 -18.32 -25.44
C LEU B 157 -6.18 -19.17 -26.65
N ASP B 158 -6.92 -20.25 -26.89
CA ASP B 158 -6.70 -21.10 -28.06
C ASP B 158 -6.88 -20.34 -29.38
N LEU B 159 -7.56 -19.20 -29.34
CA LEU B 159 -7.82 -18.42 -30.55
C LEU B 159 -6.53 -17.89 -31.18
N VAL B 160 -5.50 -17.71 -30.38
CA VAL B 160 -4.21 -17.21 -30.88
C VAL B 160 -3.62 -18.20 -31.87
N GLU B 161 -3.40 -19.44 -31.45
CA GLU B 161 -2.81 -20.42 -32.35
C GLU B 161 -3.80 -20.88 -33.42
N LYS B 162 -5.08 -20.93 -33.07
CA LYS B 162 -6.13 -21.29 -34.04
C LYS B 162 -6.10 -20.35 -35.24
N GLU B 163 -6.08 -19.06 -34.97
CA GLU B 163 -6.25 -18.07 -36.03
C GLU B 163 -4.95 -17.71 -36.75
N SER B 164 -3.82 -17.75 -36.05
CA SER B 164 -2.56 -17.28 -36.61
C SER B 164 -1.47 -18.35 -36.67
N GLY B 165 -1.66 -19.44 -35.94
CA GLY B 165 -0.67 -20.49 -35.89
C GLY B 165 0.48 -20.15 -34.95
N ILE B 166 0.38 -19.00 -34.30
CA ILE B 166 1.48 -18.53 -33.45
C ILE B 166 1.52 -19.27 -32.12
N THR B 167 2.70 -19.79 -31.81
CA THR B 167 2.97 -20.50 -30.56
C THR B 167 3.96 -19.70 -29.72
N ILE B 168 3.63 -19.49 -28.46
CA ILE B 168 4.48 -18.73 -27.55
C ILE B 168 4.83 -19.59 -26.33
N GLU B 169 6.09 -19.96 -26.22
CA GLU B 169 6.54 -20.89 -25.18
C GLU B 169 6.19 -20.41 -23.77
N GLY B 170 5.57 -21.28 -23.00
CA GLY B 170 5.16 -20.95 -21.65
C GLY B 170 3.81 -20.24 -21.57
N VAL B 171 3.37 -19.68 -22.69
CA VAL B 171 2.13 -18.91 -22.70
C VAL B 171 0.97 -19.75 -23.24
N ASN B 172 1.04 -20.21 -24.48
CA ASN B 172 0.04 -21.19 -24.91
C ASN B 172 0.66 -22.56 -25.14
N THR B 173 1.82 -22.79 -24.53
CA THR B 173 2.43 -24.12 -24.41
C THR B 173 2.97 -24.25 -22.99
N PRO B 174 3.11 -25.48 -22.48
CA PRO B 174 3.50 -25.60 -21.07
C PRO B 174 5.00 -25.46 -20.77
N TYR B 175 5.30 -24.98 -19.57
CA TYR B 175 6.66 -24.92 -19.03
C TYR B 175 6.80 -25.79 -17.80
N LEU B 176 7.96 -26.44 -17.68
CA LEU B 176 8.28 -27.15 -16.44
C LEU B 176 9.29 -26.34 -15.65
N TYR B 177 9.18 -26.37 -14.33
CA TYR B 177 10.13 -25.68 -13.45
C TYR B 177 10.68 -26.64 -12.41
N PHE B 178 11.98 -26.91 -12.49
CA PHE B 178 12.62 -27.74 -11.48
C PHE B 178 13.31 -26.85 -10.47
N GLY B 179 12.79 -26.85 -9.25
CA GLY B 179 13.29 -25.97 -8.22
C GLY B 179 14.19 -26.65 -7.21
N MET B 180 14.92 -25.83 -6.47
CA MET B 180 15.55 -26.27 -5.26
C MET B 180 15.41 -25.16 -4.25
N TRP B 181 15.91 -25.39 -3.04
CA TRP B 181 15.80 -24.41 -1.97
C TRP B 181 16.32 -23.04 -2.39
N LYS B 182 15.50 -22.03 -2.13
CA LYS B 182 15.89 -20.62 -2.27
C LYS B 182 15.86 -20.16 -3.72
N THR B 183 15.42 -21.01 -4.64
CA THR B 183 15.15 -20.54 -5.99
C THR B 183 13.88 -19.70 -5.95
N SER B 184 13.87 -18.58 -6.67
CA SER B 184 12.80 -17.59 -6.56
C SER B 184 12.10 -17.28 -7.88
N PHE B 185 10.87 -16.79 -7.79
CA PHE B 185 10.30 -16.06 -8.90
C PHE B 185 9.92 -14.66 -8.41
N ALA B 186 10.41 -13.67 -9.14
CA ALA B 186 10.27 -12.27 -8.80
C ALA B 186 8.84 -11.76 -9.01
N TRP B 187 8.55 -10.57 -8.48
CA TRP B 187 7.24 -9.96 -8.63
C TRP B 187 6.88 -9.71 -10.08
N HIS B 188 5.73 -10.21 -10.51
CA HIS B 188 5.25 -9.98 -11.86
C HIS B 188 3.76 -10.28 -11.99
N THR B 189 3.15 -9.72 -13.03
CA THR B 189 1.90 -10.26 -13.54
C THR B 189 2.26 -11.04 -14.79
N GLU B 190 1.32 -11.81 -15.33
CA GLU B 190 1.60 -12.59 -16.54
C GLU B 190 1.73 -11.70 -17.77
N ASP B 191 2.39 -12.21 -18.79
CA ASP B 191 2.41 -11.54 -20.09
C ASP B 191 1.00 -11.25 -20.57
N MET B 192 0.79 -10.06 -21.12
CA MET B 192 -0.53 -9.59 -21.54
C MET B 192 -1.55 -9.61 -20.40
N ASP B 193 -1.05 -9.70 -19.17
CA ASP B 193 -1.88 -9.78 -17.97
C ASP B 193 -2.90 -10.91 -18.03
N LEU B 194 -2.48 -12.02 -18.62
CA LEU B 194 -3.26 -13.25 -18.68
C LEU B 194 -3.41 -13.92 -17.31
N TYR B 195 -4.27 -14.93 -17.25
CA TYR B 195 -4.30 -15.86 -16.14
C TYR B 195 -3.10 -16.79 -16.23
N SER B 196 -2.71 -17.39 -15.12
CA SER B 196 -1.79 -18.51 -15.18
C SER B 196 -2.29 -19.64 -14.31
N ILE B 197 -1.88 -20.84 -14.65
CA ILE B 197 -2.18 -22.01 -13.83
C ILE B 197 -0.86 -22.72 -13.54
N ASN B 198 -0.72 -23.22 -12.31
CA ASN B 198 0.52 -23.85 -11.87
C ASN B 198 0.20 -25.14 -11.12
N TYR B 199 0.74 -26.26 -11.59
CA TYR B 199 0.58 -27.51 -10.88
C TYR B 199 1.91 -28.01 -10.35
N LEU B 200 1.97 -28.30 -9.05
CA LEU B 200 3.17 -28.87 -8.46
C LEU B 200 3.13 -30.39 -8.53
N HIS B 201 3.85 -30.95 -9.49
CA HIS B 201 3.83 -32.40 -9.75
C HIS B 201 4.33 -33.20 -8.55
N PHE B 202 5.52 -32.86 -8.06
CA PHE B 202 6.11 -33.55 -6.92
C PHE B 202 7.13 -32.68 -6.19
N GLY B 203 7.52 -33.12 -5.00
CA GLY B 203 8.64 -32.53 -4.29
C GLY B 203 8.25 -31.63 -3.15
N GLU B 204 9.20 -30.77 -2.76
CA GLU B 204 9.00 -29.84 -1.65
C GLU B 204 8.07 -28.70 -2.08
N PRO B 205 7.44 -28.02 -1.10
CA PRO B 205 6.46 -26.97 -1.39
C PRO B 205 7.02 -25.77 -2.15
N LYS B 206 6.09 -24.98 -2.69
CA LYS B 206 6.39 -23.71 -3.33
C LYS B 206 5.54 -22.66 -2.62
N SER B 207 6.18 -21.62 -2.08
CA SER B 207 5.46 -20.58 -1.35
C SER B 207 5.23 -19.36 -2.22
N TRP B 208 4.09 -18.72 -2.04
CA TRP B 208 3.64 -17.63 -2.89
C TRP B 208 3.28 -16.38 -2.08
N TYR B 209 3.51 -15.22 -2.69
CA TYR B 209 2.93 -13.96 -2.22
C TYR B 209 2.11 -13.39 -3.34
N SER B 210 1.04 -12.68 -3.01
N SER B 210 1.02 -12.69 -3.01
CA SER B 210 0.18 -12.06 -4.03
CA SER B 210 0.19 -12.07 -4.03
C SER B 210 -0.37 -10.73 -3.59
C SER B 210 -0.37 -10.73 -3.59
N VAL B 211 -0.54 -9.82 -4.54
CA VAL B 211 -1.15 -8.53 -4.28
C VAL B 211 -2.47 -8.47 -5.06
N PRO B 212 -3.58 -8.11 -4.38
CA PRO B 212 -4.86 -7.96 -5.08
C PRO B 212 -4.73 -7.06 -6.31
N PRO B 213 -5.32 -7.47 -7.44
CA PRO B 213 -5.28 -6.64 -8.66
C PRO B 213 -5.74 -5.20 -8.42
N GLU B 214 -6.69 -4.99 -7.51
CA GLU B 214 -7.18 -3.63 -7.23
C GLU B 214 -6.12 -2.75 -6.58
N HIS B 215 -5.03 -3.36 -6.11
CA HIS B 215 -3.93 -2.59 -5.52
C HIS B 215 -2.64 -2.77 -6.30
N GLY B 216 -2.74 -3.38 -7.47
CA GLY B 216 -1.59 -3.60 -8.33
C GLY B 216 -0.87 -2.32 -8.72
N LYS B 217 -1.66 -1.28 -9.03
CA LYS B 217 -1.11 0.01 -9.41
C LYS B 217 -0.27 0.60 -8.29
N ARG B 218 -0.70 0.40 -7.04
CA ARG B 218 0.02 0.94 -5.91
C ARG B 218 1.36 0.22 -5.73
N LEU B 219 1.39 -1.08 -6.00
CA LEU B 219 2.65 -1.82 -5.97
C LEU B 219 3.60 -1.29 -7.03
N GLU B 220 3.07 -1.03 -8.23
CA GLU B 220 3.88 -0.48 -9.31
C GLU B 220 4.47 0.87 -8.94
N ARG B 221 3.65 1.75 -8.38
CA ARG B 221 4.12 3.09 -8.04
C ARG B 221 5.22 3.02 -6.99
N LEU B 222 5.03 2.12 -6.02
CA LEU B 222 6.00 1.92 -4.97
C LEU B 222 7.32 1.42 -5.55
N ALA B 223 7.23 0.43 -6.44
CA ALA B 223 8.41 -0.17 -7.04
C ALA B 223 9.20 0.84 -7.86
N LYS B 224 8.52 1.76 -8.53
CA LYS B 224 9.19 2.80 -9.30
C LYS B 224 10.07 3.67 -8.41
N GLY B 225 9.56 4.00 -7.22
CA GLY B 225 10.33 4.78 -6.26
C GLY B 225 11.45 3.97 -5.63
N PHE B 226 11.22 2.68 -5.47
CA PHE B 226 12.22 1.78 -4.91
C PHE B 226 13.41 1.59 -5.85
N PHE B 227 13.10 1.47 -7.14
CA PHE B 227 14.11 1.23 -8.18
C PHE B 227 14.03 2.28 -9.27
N PRO B 228 14.37 3.53 -8.94
CA PRO B 228 14.14 4.66 -9.85
C PRO B 228 14.91 4.53 -11.16
N GLY B 229 16.07 3.90 -11.12
CA GLY B 229 16.85 3.67 -12.32
C GLY B 229 16.11 2.80 -13.32
N SER B 230 15.59 1.68 -12.85
CA SER B 230 14.90 0.75 -13.70
C SER B 230 13.68 1.36 -14.32
N ALA B 231 12.99 2.20 -13.56
CA ALA B 231 11.81 2.84 -14.06
C ALA B 231 12.01 3.79 -15.23
N GLN B 232 13.04 4.61 -15.20
CA GLN B 232 13.26 5.53 -16.32
C GLN B 232 13.53 4.77 -17.58
N SER B 233 14.27 3.68 -17.48
CA SER B 233 14.58 2.84 -18.61
C SER B 233 13.46 2.07 -19.29
N CYS B 234 12.46 1.64 -18.53
CA CYS B 234 11.36 0.86 -19.08
C CYS B 234 10.02 1.19 -18.44
N GLU B 235 9.00 1.28 -19.28
CA GLU B 235 7.63 1.53 -18.84
C GLU B 235 7.14 0.48 -17.86
N ALA B 236 7.55 -0.77 -18.09
CA ALA B 236 7.07 -1.89 -17.29
C ALA B 236 8.21 -2.81 -16.88
N PHE B 237 9.16 -2.30 -16.08
CA PHE B 237 10.36 -3.07 -15.77
C PHE B 237 10.07 -4.29 -14.92
N LEU B 238 8.93 -4.29 -14.22
CA LEU B 238 8.57 -5.47 -13.43
C LEU B 238 8.37 -6.68 -14.34
N ARG B 239 8.07 -6.45 -15.61
CA ARG B 239 7.95 -7.55 -16.56
C ARG B 239 9.29 -8.22 -16.86
N HIS B 240 10.40 -7.59 -16.47
CA HIS B 240 11.69 -8.26 -16.59
C HIS B 240 11.80 -9.43 -15.61
N LYS B 241 10.91 -9.46 -14.62
CA LYS B 241 10.88 -10.53 -13.62
C LYS B 241 12.22 -10.67 -12.89
N MET B 242 12.79 -9.54 -12.49
CA MET B 242 14.08 -9.53 -11.80
C MET B 242 13.95 -8.86 -10.43
N THR B 243 12.76 -8.37 -10.12
CA THR B 243 12.61 -7.51 -8.95
C THR B 243 12.01 -8.27 -7.75
N LEU B 244 12.74 -8.32 -6.65
N LEU B 244 12.74 -8.32 -6.65
CA LEU B 244 12.28 -8.99 -5.43
CA LEU B 244 12.27 -8.98 -5.44
C LEU B 244 12.03 -7.98 -4.30
C LEU B 244 12.02 -7.97 -4.32
N ILE B 245 10.87 -8.10 -3.65
CA ILE B 245 10.50 -7.21 -2.54
C ILE B 245 10.00 -8.05 -1.37
N SER B 246 10.54 -7.85 -0.18
CA SER B 246 10.11 -8.63 0.98
C SER B 246 8.73 -8.21 1.51
N PRO B 247 8.02 -9.15 2.16
CA PRO B 247 6.73 -8.81 2.76
C PRO B 247 6.86 -7.74 3.85
N LEU B 248 8.03 -7.66 4.49
CA LEU B 248 8.26 -6.59 5.47
C LEU B 248 8.22 -5.22 4.81
N MET B 249 8.78 -5.10 3.62
CA MET B 249 8.76 -3.85 2.87
C MET B 249 7.34 -3.52 2.43
N LEU B 250 6.65 -4.50 1.88
CA LEU B 250 5.26 -4.32 1.48
C LEU B 250 4.40 -3.83 2.65
N LYS B 251 4.56 -4.46 3.81
CA LYS B 251 3.83 -4.04 5.01
C LYS B 251 4.19 -2.61 5.41
N LYS B 252 5.48 -2.31 5.37
CA LYS B 252 5.99 -1.02 5.81
C LYS B 252 5.47 0.13 4.96
N TYR B 253 5.17 -0.14 3.70
CA TYR B 253 4.65 0.89 2.81
C TYR B 253 3.19 0.67 2.46
N GLY B 254 2.52 -0.17 3.23
CA GLY B 254 1.06 -0.28 3.16
C GLY B 254 0.48 -0.96 1.95
N ILE B 255 1.21 -1.89 1.35
CA ILE B 255 0.67 -2.70 0.26
C ILE B 255 -0.03 -3.93 0.81
N PRO B 256 -1.33 -4.07 0.55
CA PRO B 256 -2.00 -5.30 0.98
C PRO B 256 -1.49 -6.48 0.18
N PHE B 257 -1.25 -7.60 0.87
CA PHE B 257 -0.79 -8.81 0.20
C PHE B 257 -1.22 -10.01 1.02
N ASP B 258 -1.22 -11.18 0.40
CA ASP B 258 -1.47 -12.42 1.13
C ASP B 258 -0.37 -13.39 0.80
N LYS B 259 -0.26 -14.46 1.57
CA LYS B 259 0.72 -15.49 1.30
C LYS B 259 0.06 -16.84 1.38
N VAL B 260 0.62 -17.81 0.68
CA VAL B 260 0.06 -19.15 0.67
C VAL B 260 1.15 -20.13 0.23
N THR B 261 1.11 -21.34 0.78
CA THR B 261 2.07 -22.35 0.41
C THR B 261 1.40 -23.45 -0.39
N GLN B 262 2.00 -23.79 -1.53
CA GLN B 262 1.47 -24.78 -2.44
C GLN B 262 2.15 -26.11 -2.20
N GLU B 263 1.35 -27.14 -1.94
CA GLU B 263 1.89 -28.48 -1.69
C GLU B 263 1.88 -29.31 -2.96
N ALA B 264 2.65 -30.40 -2.97
CA ALA B 264 2.66 -31.32 -4.10
C ALA B 264 1.24 -31.83 -4.36
N GLY B 265 0.85 -31.84 -5.63
CA GLY B 265 -0.48 -32.27 -6.00
C GLY B 265 -1.52 -31.16 -5.96
N GLU B 266 -1.09 -29.93 -5.75
CA GLU B 266 -2.02 -28.80 -5.68
C GLU B 266 -1.85 -27.81 -6.84
N PHE B 267 -2.97 -27.18 -7.22
CA PHE B 267 -3.00 -26.17 -8.27
C PHE B 267 -3.00 -24.77 -7.68
N MET B 268 -2.27 -23.86 -8.31
CA MET B 268 -2.45 -22.43 -8.05
C MET B 268 -2.95 -21.75 -9.32
N ILE B 269 -3.88 -20.82 -9.17
CA ILE B 269 -4.35 -20.01 -10.29
C ILE B 269 -4.07 -18.54 -10.00
N THR B 270 -3.41 -17.85 -10.93
CA THR B 270 -3.26 -16.40 -10.80
C THR B 270 -4.21 -15.71 -11.77
N PHE B 271 -4.74 -14.56 -11.36
CA PHE B 271 -5.75 -13.85 -12.12
C PHE B 271 -5.15 -12.62 -12.81
N PRO B 272 -5.81 -12.12 -13.86
CA PRO B 272 -5.28 -10.97 -14.59
C PRO B 272 -4.87 -9.82 -13.69
N TYR B 273 -3.67 -9.32 -13.92
CA TYR B 273 -3.10 -8.20 -13.17
C TYR B 273 -2.94 -8.53 -11.69
N GLY B 274 -2.81 -9.81 -11.37
CA GLY B 274 -2.49 -10.24 -10.02
C GLY B 274 -0.99 -10.41 -9.87
N TYR B 275 -0.34 -9.46 -9.20
CA TYR B 275 1.10 -9.56 -8.95
C TYR B 275 1.40 -10.68 -7.97
N HIS B 276 2.38 -11.51 -8.30
CA HIS B 276 2.79 -12.59 -7.42
C HIS B 276 4.29 -12.83 -7.47
N ALA B 277 4.80 -13.42 -6.40
CA ALA B 277 6.20 -13.77 -6.25
C ALA B 277 6.26 -14.96 -5.31
N GLY B 278 7.44 -15.56 -5.19
CA GLY B 278 7.59 -16.68 -4.29
C GLY B 278 8.94 -17.38 -4.37
N PHE B 279 9.03 -18.56 -3.75
CA PHE B 279 10.27 -19.30 -3.70
C PHE B 279 10.00 -20.78 -3.44
N ASN B 280 10.95 -21.62 -3.81
CA ASN B 280 10.80 -23.06 -3.63
C ASN B 280 11.49 -23.54 -2.35
N HIS B 281 10.87 -24.50 -1.66
CA HIS B 281 11.38 -25.00 -0.39
C HIS B 281 12.53 -25.98 -0.56
N GLY B 282 12.55 -26.69 -1.68
CA GLY B 282 13.56 -27.70 -1.92
C GLY B 282 13.39 -28.26 -3.31
N PHE B 283 13.93 -29.45 -3.55
CA PHE B 283 13.79 -30.05 -4.87
C PHE B 283 12.31 -30.31 -5.17
N ASN B 284 11.83 -29.72 -6.27
CA ASN B 284 10.47 -29.96 -6.71
C ASN B 284 10.34 -29.80 -8.21
N CYS B 285 9.13 -29.98 -8.72
CA CYS B 285 8.86 -29.80 -10.13
C CYS B 285 7.45 -29.29 -10.32
N ALA B 286 7.33 -28.20 -11.05
CA ALA B 286 6.03 -27.59 -11.31
C ALA B 286 5.81 -27.44 -12.80
N GLU B 287 4.55 -27.43 -13.20
CA GLU B 287 4.18 -27.20 -14.59
C GLU B 287 3.22 -26.02 -14.65
N SER B 288 3.46 -25.11 -15.59
CA SER B 288 2.58 -23.96 -15.71
C SER B 288 2.37 -23.51 -17.15
N THR B 289 1.27 -22.80 -17.36
CA THR B 289 0.99 -22.17 -18.65
C THR B 289 0.03 -21.00 -18.39
N ASN B 290 -0.29 -20.24 -19.43
CA ASN B 290 -1.29 -19.20 -19.31
C ASN B 290 -2.63 -19.66 -19.87
N PHE B 291 -3.70 -18.95 -19.49
CA PHE B 291 -4.99 -19.17 -20.11
C PHE B 291 -5.79 -17.89 -20.03
N ALA B 292 -6.95 -17.88 -20.67
CA ALA B 292 -7.76 -16.69 -20.70
C ALA B 292 -9.21 -17.01 -20.46
N THR B 293 -9.99 -15.95 -20.52
CA THR B 293 -11.35 -15.89 -20.08
C THR B 293 -11.89 -14.62 -20.74
N ARG B 294 -13.21 -14.53 -20.95
CA ARG B 294 -13.74 -13.37 -21.65
C ARG B 294 -13.41 -12.07 -20.89
N ARG B 295 -13.33 -12.16 -19.56
CA ARG B 295 -12.95 -11.04 -18.71
C ARG B 295 -11.53 -10.52 -18.99
N TRP B 296 -10.63 -11.42 -19.37
CA TRP B 296 -9.24 -11.02 -19.65
C TRP B 296 -9.11 -10.03 -20.81
N ILE B 297 -10.01 -10.10 -21.78
CA ILE B 297 -9.82 -9.39 -23.04
C ILE B 297 -9.56 -7.90 -22.82
N GLU B 298 -10.29 -7.29 -21.90
CA GLU B 298 -10.10 -5.89 -21.57
C GLU B 298 -8.72 -5.65 -20.92
N TYR B 299 -8.28 -6.58 -20.07
CA TYR B 299 -6.94 -6.49 -19.50
C TYR B 299 -5.89 -6.57 -20.60
N GLY B 300 -6.13 -7.44 -21.58
CA GLY B 300 -5.22 -7.62 -22.68
C GLY B 300 -5.08 -6.36 -23.51
N LYS B 301 -6.20 -5.68 -23.72
CA LYS B 301 -6.22 -4.46 -24.51
C LYS B 301 -5.45 -3.33 -23.82
N GLN B 302 -5.44 -3.37 -22.49
CA GLN B 302 -4.89 -2.26 -21.70
C GLN B 302 -3.55 -2.59 -21.04
N ALA B 303 -3.03 -3.78 -21.28
CA ALA B 303 -1.80 -4.21 -20.62
C ALA B 303 -0.63 -3.31 -20.98
N VAL B 304 0.13 -2.87 -19.98
CA VAL B 304 1.30 -2.04 -20.25
C VAL B 304 2.52 -2.93 -20.44
N LEU B 305 3.10 -2.87 -21.63
CA LEU B 305 4.15 -3.81 -22.02
C LEU B 305 5.57 -3.24 -21.88
N CYS B 306 6.53 -4.15 -21.73
CA CYS B 306 7.95 -3.77 -21.71
C CYS B 306 8.31 -2.99 -22.97
N SER B 307 8.97 -1.85 -22.79
CA SER B 307 9.29 -0.95 -23.88
C SER B 307 10.77 -1.00 -24.28
N CYS B 308 11.57 -1.72 -23.49
CA CYS B 308 13.02 -1.73 -23.67
C CYS B 308 13.51 -3.02 -24.31
N ARG B 309 12.58 -3.80 -24.84
CA ARG B 309 12.87 -4.98 -25.67
C ARG B 309 13.45 -6.18 -24.92
N LYS B 310 13.44 -6.13 -23.59
CA LYS B 310 13.86 -7.28 -22.80
C LYS B 310 12.79 -8.37 -22.78
N ASP B 311 11.53 -7.95 -22.65
CA ASP B 311 10.41 -8.88 -22.72
C ASP B 311 9.64 -8.64 -24.03
N MET B 312 9.71 -9.61 -24.94
CA MET B 312 9.17 -9.41 -26.27
C MET B 312 7.79 -10.02 -26.46
N VAL B 313 7.25 -10.67 -25.44
CA VAL B 313 5.97 -11.36 -25.59
C VAL B 313 4.82 -10.39 -25.79
N LYS B 314 4.19 -10.47 -26.96
CA LYS B 314 3.09 -9.58 -27.30
C LYS B 314 2.03 -10.32 -28.13
N ILE B 315 0.78 -10.21 -27.71
CA ILE B 315 -0.32 -10.88 -28.40
C ILE B 315 -1.23 -9.86 -29.07
N SER B 316 -1.49 -10.05 -30.36
CA SER B 316 -2.44 -9.21 -31.06
C SER B 316 -3.85 -9.40 -30.51
N MET B 317 -4.46 -8.32 -30.03
CA MET B 317 -5.78 -8.38 -29.42
C MET B 317 -6.91 -8.35 -30.45
N ASP B 318 -6.53 -8.16 -31.70
CA ASP B 318 -7.46 -7.97 -32.81
C ASP B 318 -8.57 -9.02 -32.88
N VAL B 319 -8.17 -10.29 -32.88
CA VAL B 319 -9.11 -11.40 -33.02
C VAL B 319 -10.09 -11.44 -31.86
N PHE B 320 -9.62 -11.12 -30.66
CA PHE B 320 -10.47 -11.16 -29.47
C PHE B 320 -11.50 -10.04 -29.48
N VAL B 321 -11.08 -8.84 -29.87
CA VAL B 321 -11.99 -7.70 -29.86
C VAL B 321 -13.06 -7.87 -30.93
N ARG B 322 -12.67 -8.32 -32.11
CA ARG B 322 -13.62 -8.57 -33.18
C ARG B 322 -14.65 -9.61 -32.76
N LYS B 323 -14.17 -10.72 -32.21
CA LYS B 323 -15.06 -11.84 -31.91
C LYS B 323 -15.92 -11.59 -30.69
N PHE B 324 -15.38 -10.96 -29.66
CA PHE B 324 -16.08 -10.85 -28.39
C PHE B 324 -16.57 -9.44 -28.03
N GLN B 325 -16.07 -8.43 -28.72
CA GLN B 325 -16.57 -7.07 -28.52
C GLN B 325 -16.84 -6.38 -29.86
N PRO B 326 -17.74 -6.95 -30.69
CA PRO B 326 -18.01 -6.42 -32.03
C PRO B 326 -18.35 -4.94 -32.03
N GLU B 327 -19.13 -4.50 -31.06
CA GLU B 327 -19.59 -3.12 -30.99
C GLU B 327 -18.43 -2.14 -30.79
N ARG B 328 -17.38 -2.61 -30.12
CA ARG B 328 -16.29 -1.71 -29.74
C ARG B 328 -15.13 -1.73 -30.73
N TYR B 329 -15.13 -2.70 -31.64
CA TYR B 329 -13.96 -2.94 -32.49
C TYR B 329 -13.51 -1.70 -33.25
N LYS B 330 -14.46 -1.03 -33.88
CA LYS B 330 -14.16 0.17 -34.65
C LYS B 330 -13.65 1.27 -33.73
N LEU B 331 -14.32 1.42 -32.59
CA LEU B 331 -13.92 2.40 -31.58
C LEU B 331 -12.51 2.11 -31.05
N TRP B 332 -12.22 0.84 -30.83
CA TRP B 332 -10.92 0.43 -30.32
C TRP B 332 -9.81 0.63 -31.35
N LYS B 333 -10.10 0.31 -32.60
CA LYS B 333 -9.15 0.52 -33.69
C LYS B 333 -8.82 1.99 -33.88
N ALA B 334 -9.82 2.84 -33.70
CA ALA B 334 -9.65 4.29 -33.82
C ALA B 334 -8.93 4.84 -32.60
N GLY B 335 -8.66 3.97 -31.63
CA GLY B 335 -7.89 4.35 -30.45
C GLY B 335 -8.66 5.19 -29.45
N LYS B 336 -9.99 5.10 -29.46
CA LYS B 336 -10.81 5.90 -28.57
C LYS B 336 -11.62 5.06 -27.57
N ASP B 337 -11.25 3.78 -27.40
CA ASP B 337 -11.91 2.93 -26.42
C ASP B 337 -11.39 3.24 -25.01
N ASN B 338 -12.17 4.00 -24.25
CA ASN B 338 -11.78 4.46 -22.93
C ASN B 338 -12.43 3.65 -21.80
N THR B 339 -12.63 2.36 -22.03
CA THR B 339 -13.24 1.50 -21.02
C THR B 339 -12.37 1.42 -19.77
N VAL B 340 -13.00 1.47 -18.61
CA VAL B 340 -12.28 1.36 -17.34
C VAL B 340 -12.56 0.01 -16.69
N ILE B 341 -11.49 -0.71 -16.35
CA ILE B 341 -11.61 -2.06 -15.79
C ILE B 341 -12.05 -2.04 -14.32
N ASP B 342 -13.04 -2.86 -14.00
CA ASP B 342 -13.47 -3.11 -12.62
C ASP B 342 -12.92 -4.45 -12.15
N HIS B 343 -11.88 -4.41 -11.32
CA HIS B 343 -11.18 -5.64 -10.91
C HIS B 343 -12.04 -6.56 -10.05
N THR B 344 -13.09 -6.03 -9.43
CA THR B 344 -13.92 -6.84 -8.55
C THR B 344 -14.91 -7.71 -9.31
N LEU B 345 -15.17 -7.35 -10.57
CA LEU B 345 -16.19 -8.05 -11.36
C LEU B 345 -15.73 -9.44 -11.81
N PRO B 346 -16.58 -10.45 -11.62
CA PRO B 346 -16.31 -11.79 -12.16
C PRO B 346 -16.50 -11.86 -13.67
N THR B 347 -15.98 -12.91 -14.29
CA THR B 347 -16.11 -13.10 -15.74
C THR B 347 -17.58 -13.34 -16.08
N PRO B 348 -18.01 -13.00 -17.29
CA PRO B 348 -19.41 -13.19 -17.69
C PRO B 348 -19.86 -14.62 -17.75
N GLU B 349 -18.93 -15.53 -17.84
CA GLU B 349 -19.24 -16.93 -17.86
C GLU B 349 -19.83 -17.29 -16.50
N ALA B 350 -19.72 -16.40 -15.53
CA ALA B 350 -20.22 -16.69 -14.19
C ALA B 350 -21.73 -16.44 -14.05
N ALA B 351 -22.47 -17.52 -14.05
CA ALA B 351 -23.92 -17.52 -13.91
C ALA B 351 -24.21 -18.60 -12.91
N GLU B 352 -23.37 -18.67 -11.89
CA GLU B 352 -23.48 -19.62 -10.83
C GLU B 352 -24.08 -18.84 -9.72
NI NI C . -2.69 18.91 11.83
C1 AKG D . -3.79 16.56 12.97
O1 AKG D . -4.03 15.56 13.71
O2 AKG D . -2.64 17.04 12.87
C2 AKG D . -4.93 17.15 12.17
O5 AKG D . -4.72 18.06 11.40
C3 AKG D . -6.31 16.56 12.38
C4 AKG D . -7.23 16.99 11.27
C5 AKG D . -8.65 16.53 11.52
O3 AKG D . -9.58 17.37 11.52
O4 AKG D . -8.91 15.30 11.72
ZN ZN E . -2.21 35.43 10.03
NI NI F . 3.49 -16.02 -12.90
C1 AKG G . 3.16 -18.93 -12.48
O1 AKG G . 2.32 -18.01 -12.65
O2 AKG G . 2.84 -20.13 -12.69
C2 AKG G . 4.56 -18.58 -12.06
O5 AKG G . 4.85 -17.43 -11.78
C3 AKG G . 5.60 -19.67 -11.98
C4 AKG G . 6.45 -19.43 -10.75
C5 AKG G . 7.48 -20.53 -10.60
O3 AKG G . 7.14 -21.62 -10.06
O4 AKG G . 8.66 -20.35 -11.01
ZN ZN H . 11.59 -3.48 -20.40
#